data_4M74
#
_entry.id   4M74
#
_cell.length_a   57.391
_cell.length_b   89.916
_cell.length_c   137.559
_cell.angle_alpha   90.00
_cell.angle_beta   90.00
_cell.angle_gamma   90.00
#
_symmetry.space_group_name_H-M   'P 21 21 21'
#
loop_
_entity.id
_entity.type
_entity.pdbx_description
1 polymer 'Methyltransferase MppJ'
2 non-polymer S-ADENOSYL-L-HOMOCYSTEINE
3 non-polymer '(2S,3R)-2,3-dihydroxy-3-phenylpropanoic acid'
4 non-polymer 'FE (III) ION'
5 non-polymer '(2R)-2-hydroxy-3-phenylpropanoic acid'
6 non-polymer 'CALCIUM ION'
7 water water
#
_entity_poly.entity_id   1
_entity_poly.type   'polypeptide(L)'
_entity_poly.pdbx_seq_one_letter_code
;MGSSHHHHHHSSGLVPRGSHMSTEVSEAQARRAVADIFNSTLASSAIGAAWELGALDELRENGKLDVSDFAVRHDLHEPA
VVGMFTALASVGIVRREGATVVVGPYFDEANHHRSLFHWLNQGSGELFRRMPQVLPNENRTGKFYQLDAGAISYACREIS
ERYFDPAFWAAVDGLGYTPTTVADLGSGSGERLIQIARRFPGVRGLGVDIADGAIAMAEKEVAAKGFGDQISFVRGDART
IDQVSARGEFAEVDLLTCFMMGHAFWPRENCVQTLRKLRAAFPNVRRFLLGDATRTVGIPDRELPVFTLGFEFGHDMMGE
YLPTLDEWDGVFEEGGWRCVKKHAIDSLSVSVVFELE
;
_entity_poly.pdbx_strand_id   A,B
#
# COMPACT_ATOMS: atom_id res chain seq x y z
N VAL A 25 22.12 -8.85 11.55
CA VAL A 25 23.42 -8.28 12.03
C VAL A 25 24.47 -8.36 10.90
N SER A 26 25.23 -7.27 10.68
CA SER A 26 26.02 -7.08 9.44
C SER A 26 25.30 -6.02 8.65
N GLU A 27 26.04 -4.98 8.28
CA GLU A 27 25.49 -3.88 7.52
C GLU A 27 25.01 -4.32 6.12
N ALA A 28 25.69 -5.30 5.54
CA ALA A 28 25.28 -5.86 4.26
C ALA A 28 23.91 -6.58 4.34
N GLN A 29 23.74 -7.31 5.43
CA GLN A 29 22.56 -8.10 5.65
C GLN A 29 21.39 -7.17 5.92
N ALA A 30 21.58 -6.18 6.78
CA ALA A 30 20.54 -5.22 7.06
C ALA A 30 20.08 -4.45 5.80
N ARG A 31 21.00 -4.06 4.91
CA ARG A 31 20.66 -3.34 3.66
C ARG A 31 19.75 -4.18 2.79
N ARG A 32 20.18 -5.41 2.57
CA ARG A 32 19.39 -6.36 1.82
C ARG A 32 17.95 -6.59 2.40
N ALA A 33 17.85 -6.86 3.69
CA ALA A 33 16.57 -7.09 4.33
C ALA A 33 15.68 -5.90 4.17
N VAL A 34 16.23 -4.68 4.35
CA VAL A 34 15.42 -3.47 4.23
C VAL A 34 14.97 -3.18 2.78
N ALA A 35 15.87 -3.43 1.82
CA ALA A 35 15.50 -3.37 0.43
C ALA A 35 14.43 -4.41 0.10
N ASP A 36 14.53 -5.59 0.65
CA ASP A 36 13.50 -6.61 0.36
C ASP A 36 12.14 -6.15 0.92
N ILE A 37 12.15 -5.48 2.06
CA ILE A 37 10.91 -4.97 2.62
C ILE A 37 10.26 -3.93 1.77
N PHE A 38 11.07 -3.03 1.25
CA PHE A 38 10.63 -2.06 0.32
C PHE A 38 10.14 -2.68 -0.99
N ASN A 39 10.89 -3.59 -1.60
CA ASN A 39 10.42 -4.17 -2.84
C ASN A 39 9.19 -5.06 -2.62
N SER A 40 9.15 -5.79 -1.50
CA SER A 40 7.97 -6.60 -1.11
C SER A 40 6.68 -5.80 -1.15
N THR A 41 6.74 -4.52 -0.76
CA THR A 41 5.57 -3.65 -0.83
C THR A 41 5.01 -3.55 -2.23
N LEU A 42 5.92 -3.39 -3.20
CA LEU A 42 5.54 -3.29 -4.58
C LEU A 42 5.13 -4.66 -5.17
N ALA A 43 5.85 -5.72 -4.82
CA ALA A 43 5.39 -7.08 -5.25
C ALA A 43 3.98 -7.47 -4.69
N SER A 44 3.68 -7.04 -3.48
CA SER A 44 2.45 -7.41 -2.76
C SER A 44 1.31 -6.82 -3.53
N SER A 45 1.47 -5.57 -3.86
CA SER A 45 0.50 -4.87 -4.59
C SER A 45 0.32 -5.46 -5.98
N ALA A 46 1.43 -5.91 -6.58
CA ALA A 46 1.44 -6.50 -7.91
C ALA A 46 0.82 -7.92 -8.03
N ILE A 47 0.92 -8.71 -6.99
CA ILE A 47 0.23 -10.00 -6.94
C ILE A 47 -1.32 -9.84 -7.22
N GLY A 48 -1.97 -9.02 -6.41
CA GLY A 48 -3.33 -8.64 -6.60
C GLY A 48 -3.61 -8.15 -8.01
N ALA A 49 -2.69 -7.35 -8.57
CA ALA A 49 -2.85 -6.84 -9.95
C ALA A 49 -2.68 -7.90 -10.98
N ALA A 50 -1.67 -8.74 -10.82
CA ALA A 50 -1.34 -9.77 -11.79
C ALA A 50 -2.54 -10.71 -11.90
N TRP A 51 -3.19 -10.91 -10.75
CA TRP A 51 -4.34 -11.80 -10.66
C TRP A 51 -5.46 -11.14 -11.42
N GLU A 52 -5.87 -9.96 -11.01
CA GLU A 52 -7.02 -9.30 -11.58
C GLU A 52 -6.89 -9.08 -13.11
N LEU A 53 -5.66 -8.94 -13.60
CA LEU A 53 -5.43 -8.62 -15.02
C LEU A 53 -5.23 -9.86 -15.88
N GLY A 54 -5.15 -11.03 -15.28
CA GLY A 54 -5.09 -12.28 -16.04
C GLY A 54 -3.74 -12.91 -16.13
N ALA A 55 -2.71 -12.27 -15.58
CA ALA A 55 -1.34 -12.77 -15.74
C ALA A 55 -1.08 -13.98 -14.90
N LEU A 56 -1.68 -14.01 -13.71
CA LEU A 56 -1.35 -15.14 -12.86
C LEU A 56 -1.89 -16.43 -13.49
N ASP A 57 -3.13 -16.41 -13.97
CA ASP A 57 -3.75 -17.59 -14.63
C ASP A 57 -2.98 -18.07 -15.88
N GLU A 58 -2.60 -17.12 -16.75
CA GLU A 58 -1.73 -17.45 -17.90
C GLU A 58 -0.39 -18.10 -17.48
N LEU A 59 0.25 -17.60 -16.44
CA LEU A 59 1.44 -18.27 -15.93
C LEU A 59 1.12 -19.58 -15.26
N ARG A 60 -0.06 -19.70 -14.65
CA ARG A 60 -0.41 -20.99 -14.03
C ARG A 60 -0.53 -22.10 -15.11
N GLU A 61 -1.25 -21.82 -16.20
CA GLU A 61 -1.44 -22.80 -17.29
C GLU A 61 -0.13 -23.19 -18.00
N ASN A 62 0.52 -22.17 -18.58
CA ASN A 62 1.66 -22.37 -19.49
C ASN A 62 3.01 -22.37 -18.81
N GLY A 63 3.07 -21.86 -17.59
CA GLY A 63 4.35 -21.71 -16.85
C GLY A 63 5.23 -20.57 -17.35
N LYS A 64 4.73 -19.79 -18.32
CA LYS A 64 5.48 -18.66 -18.85
C LYS A 64 4.52 -17.78 -19.63
N LEU A 65 4.96 -16.57 -19.94
CA LEU A 65 4.22 -15.67 -20.86
C LEU A 65 5.17 -14.63 -21.48
N ASP A 66 4.65 -13.83 -22.41
CA ASP A 66 5.48 -12.85 -23.11
C ASP A 66 4.90 -11.49 -22.87
N VAL A 67 5.74 -10.57 -22.39
CA VAL A 67 5.22 -9.33 -21.80
C VAL A 67 4.57 -8.46 -22.85
N SER A 68 5.17 -8.48 -24.04
CA SER A 68 4.69 -7.70 -25.19
C SER A 68 3.36 -8.28 -25.67
N ASP A 69 3.37 -9.59 -25.89
CA ASP A 69 2.16 -10.33 -26.28
C ASP A 69 1.06 -10.20 -25.23
N PHE A 70 1.44 -10.37 -23.96
CA PHE A 70 0.49 -10.11 -22.85
C PHE A 70 -0.08 -8.68 -22.90
N ALA A 71 0.79 -7.68 -23.07
CA ALA A 71 0.35 -6.28 -22.98
C ALA A 71 -0.55 -5.92 -24.14
N VAL A 72 -0.28 -6.54 -25.29
CA VAL A 72 -1.08 -6.32 -26.51
C VAL A 72 -2.49 -6.83 -26.31
N ARG A 73 -2.58 -8.10 -25.93
CA ARG A 73 -3.88 -8.77 -25.76
C ARG A 73 -4.82 -8.00 -24.83
N HIS A 74 -4.30 -7.45 -23.72
CA HIS A 74 -5.15 -6.82 -22.69
C HIS A 74 -5.22 -5.28 -22.77
N ASP A 75 -4.60 -4.71 -23.82
CA ASP A 75 -4.54 -3.25 -24.05
C ASP A 75 -3.90 -2.55 -22.84
N LEU A 76 -2.77 -3.08 -22.39
CA LEU A 76 -2.07 -2.48 -21.23
C LEU A 76 -0.85 -1.67 -21.67
N HIS A 77 -0.61 -0.54 -20.99
CA HIS A 77 0.61 0.26 -21.14
C HIS A 77 1.86 -0.53 -20.78
N GLU A 78 2.69 -0.83 -21.79
CA GLU A 78 3.71 -1.87 -21.68
C GLU A 78 4.81 -1.63 -20.64
N PRO A 79 5.22 -0.37 -20.46
CA PRO A 79 6.30 -0.11 -19.50
C PRO A 79 5.85 -0.39 -18.04
N ALA A 80 4.62 -0.01 -17.71
CA ALA A 80 3.96 -0.29 -16.42
C ALA A 80 3.79 -1.80 -16.17
N VAL A 81 3.66 -2.56 -17.25
CA VAL A 81 3.51 -4.01 -17.20
C VAL A 81 4.85 -4.68 -16.93
N VAL A 82 5.88 -4.18 -17.61
CA VAL A 82 7.26 -4.56 -17.28
C VAL A 82 7.57 -4.33 -15.79
N GLY A 83 7.13 -3.20 -15.26
CA GLY A 83 7.45 -2.82 -13.88
C GLY A 83 6.68 -3.76 -12.94
N MET A 84 5.42 -4.05 -13.31
CA MET A 84 4.59 -4.96 -12.53
C MET A 84 5.28 -6.25 -12.37
N PHE A 85 5.82 -6.80 -13.47
CA PHE A 85 6.57 -8.08 -13.44
C PHE A 85 7.94 -8.04 -12.78
N THR A 86 8.62 -6.90 -12.92
CA THR A 86 9.89 -6.71 -12.22
C THR A 86 9.64 -6.73 -10.70
N ALA A 87 8.58 -6.05 -10.23
CA ALA A 87 8.21 -6.11 -8.82
C ALA A 87 8.05 -7.55 -8.39
N LEU A 88 7.26 -8.34 -9.14
CA LEU A 88 7.09 -9.79 -8.83
C LEU A 88 8.41 -10.51 -8.81
N ALA A 89 9.26 -10.18 -9.78
CA ALA A 89 10.60 -10.79 -9.91
C ALA A 89 11.54 -10.49 -8.77
N SER A 90 11.45 -9.28 -8.21
CA SER A 90 12.33 -8.79 -7.11
C SER A 90 12.30 -9.59 -5.84
N VAL A 91 11.23 -10.37 -5.67
CA VAL A 91 11.05 -11.20 -4.48
C VAL A 91 10.88 -12.70 -4.82
N GLY A 92 11.13 -13.09 -6.08
CA GLY A 92 11.18 -14.51 -6.43
C GLY A 92 9.86 -15.21 -6.76
N ILE A 93 8.82 -14.43 -7.03
CA ILE A 93 7.56 -14.99 -7.43
C ILE A 93 7.63 -15.38 -8.88
N VAL A 94 8.30 -14.57 -9.70
CA VAL A 94 8.59 -14.90 -11.09
C VAL A 94 10.07 -14.68 -11.34
N ARG A 95 10.53 -15.04 -12.54
CA ARG A 95 11.90 -14.73 -13.00
C ARG A 95 11.78 -14.08 -14.37
N ARG A 96 12.53 -13.01 -14.62
CA ARG A 96 12.55 -12.40 -15.96
C ARG A 96 13.71 -12.87 -16.84
N GLU A 97 13.36 -13.26 -18.07
CA GLU A 97 14.30 -13.72 -19.09
C GLU A 97 13.96 -12.99 -20.40
N GLY A 98 14.61 -11.84 -20.61
CA GLY A 98 14.24 -10.93 -21.73
C GLY A 98 12.83 -10.40 -21.60
N ALA A 99 12.07 -10.44 -22.70
CA ALA A 99 10.66 -10.02 -22.72
C ALA A 99 9.71 -11.11 -22.25
N THR A 100 10.26 -12.13 -21.61
CA THR A 100 9.48 -13.30 -21.23
C THR A 100 9.58 -13.53 -19.71
N VAL A 101 8.43 -13.84 -19.10
CA VAL A 101 8.32 -14.13 -17.67
C VAL A 101 8.06 -15.59 -17.40
N VAL A 102 8.82 -16.18 -16.48
CA VAL A 102 8.67 -17.57 -16.08
C VAL A 102 8.19 -17.65 -14.60
N VAL A 103 7.46 -18.70 -14.24
CA VAL A 103 7.10 -18.91 -12.82
C VAL A 103 8.37 -19.05 -11.97
N GLY A 104 8.38 -18.42 -10.79
CA GLY A 104 9.55 -18.40 -9.92
C GLY A 104 9.36 -19.45 -8.84
N PRO A 105 10.32 -19.57 -7.93
CA PRO A 105 10.27 -20.56 -6.87
C PRO A 105 9.10 -20.38 -5.88
N TYR A 106 8.56 -19.17 -5.80
CA TYR A 106 7.48 -18.89 -4.90
C TYR A 106 6.18 -18.63 -5.66
N PHE A 107 6.13 -18.94 -6.94
CA PHE A 107 4.91 -18.70 -7.71
C PHE A 107 3.64 -19.46 -7.20
N ASP A 108 3.78 -20.74 -6.85
CA ASP A 108 2.62 -21.55 -6.49
C ASP A 108 2.01 -21.07 -5.18
N GLU A 109 2.87 -20.88 -4.17
CA GLU A 109 2.48 -20.36 -2.87
C GLU A 109 1.76 -18.97 -3.01
N ALA A 110 2.39 -18.04 -3.69
CA ALA A 110 1.80 -16.72 -3.87
C ALA A 110 0.55 -16.72 -4.77
N ASN A 111 0.57 -17.46 -5.86
CA ASN A 111 -0.64 -17.59 -6.66
C ASN A 111 -1.77 -18.17 -5.79
N HIS A 112 -1.43 -19.11 -4.92
CA HIS A 112 -2.43 -19.74 -4.05
C HIS A 112 -3.14 -18.73 -3.13
N HIS A 113 -2.37 -17.76 -2.62
CA HIS A 113 -2.85 -16.74 -1.70
C HIS A 113 -3.10 -15.39 -2.36
N ARG A 114 -3.13 -15.40 -3.69
CA ARG A 114 -3.28 -14.16 -4.41
C ARG A 114 -4.40 -13.32 -3.90
N SER A 115 -5.54 -13.93 -3.54
CA SER A 115 -6.73 -13.18 -3.14
C SER A 115 -6.50 -12.44 -1.80
N LEU A 116 -5.59 -12.94 -1.00
CA LEU A 116 -5.24 -12.28 0.27
C LEU A 116 -4.42 -11.03 0.00
N PHE A 117 -3.56 -11.09 -0.99
CA PHE A 117 -2.80 -9.90 -1.40
C PHE A 117 -3.73 -8.84 -2.01
N HIS A 118 -4.71 -9.29 -2.79
CA HIS A 118 -5.65 -8.35 -3.36
C HIS A 118 -6.44 -7.64 -2.26
N TRP A 119 -6.91 -8.41 -1.28
CA TRP A 119 -7.62 -7.90 -0.11
C TRP A 119 -6.80 -6.87 0.65
N LEU A 120 -5.53 -7.17 0.84
CA LEU A 120 -4.66 -6.27 1.58
C LEU A 120 -4.33 -4.97 0.86
N ASN A 121 -4.13 -5.04 -0.44
CA ASN A 121 -3.73 -3.87 -1.21
C ASN A 121 -4.92 -3.24 -1.92
N GLN A 122 -5.46 -3.90 -2.94
CA GLN A 122 -6.56 -3.31 -3.69
C GLN A 122 -7.79 -3.05 -2.81
N GLY A 123 -8.09 -3.95 -1.89
CA GLY A 123 -9.21 -3.73 -1.01
C GLY A 123 -8.98 -2.79 0.17
N SER A 124 -7.94 -3.06 0.96
CA SER A 124 -7.77 -2.36 2.25
C SER A 124 -6.55 -1.39 2.27
N GLY A 125 -5.91 -1.15 1.15
CA GLY A 125 -4.71 -0.35 1.11
C GLY A 125 -4.83 1.02 1.68
N GLU A 126 -5.98 1.66 1.45
CA GLU A 126 -6.23 3.02 1.89
C GLU A 126 -6.36 3.13 3.36
N LEU A 127 -6.87 2.08 4.00
CA LEU A 127 -6.80 2.01 5.47
C LEU A 127 -5.36 2.04 6.00
N PHE A 128 -4.49 1.17 5.47
CA PHE A 128 -3.13 1.00 6.07
C PHE A 128 -2.22 2.17 5.72
N ARG A 129 -2.49 2.78 4.57
CA ARG A 129 -1.74 3.89 4.10
C ARG A 129 -1.90 5.08 5.03
N ARG A 130 -3.09 5.17 5.65
CA ARG A 130 -3.45 6.31 6.47
C ARG A 130 -3.33 6.06 7.93
N MET A 131 -2.44 5.15 8.31
CA MET A 131 -2.12 4.85 9.67
C MET A 131 -1.77 6.08 10.50
N PRO A 132 -1.05 7.08 9.92
CA PRO A 132 -0.75 8.22 10.81
C PRO A 132 -1.98 9.06 11.14
N GLN A 133 -2.95 9.12 10.23
CA GLN A 133 -4.21 9.83 10.51
C GLN A 133 -5.26 8.95 11.22
N VAL A 134 -5.10 7.62 11.20
CA VAL A 134 -6.16 6.74 11.74
C VAL A 134 -5.92 6.47 13.23
N LEU A 135 -4.67 6.39 13.66
CA LEU A 135 -4.37 6.09 15.07
C LEU A 135 -4.72 7.14 16.13
N PRO A 136 -4.69 8.41 15.75
CA PRO A 136 -4.93 9.41 16.75
C PRO A 136 -6.40 9.44 17.20
N ASN A 137 -6.61 9.29 18.50
CA ASN A 137 -7.95 9.25 19.06
C ASN A 137 -8.84 10.36 18.55
N GLU A 138 -8.24 11.53 18.41
CA GLU A 138 -8.94 12.74 17.97
C GLU A 138 -9.61 12.61 16.61
N ASN A 139 -8.99 11.91 15.67
CA ASN A 139 -9.58 11.72 14.33
C ASN A 139 -10.64 10.59 14.20
N ARG A 140 -10.89 9.85 15.28
CA ARG A 140 -11.63 8.58 15.23
C ARG A 140 -13.13 8.76 15.49
N THR A 141 -13.73 9.56 14.64
CA THR A 141 -15.14 9.81 14.69
C THR A 141 -15.60 9.95 13.25
N GLY A 142 -16.83 9.54 12.99
CA GLY A 142 -17.37 9.65 11.63
C GLY A 142 -16.77 8.62 10.70
N LYS A 143 -16.61 9.00 9.45
CA LYS A 143 -16.05 8.14 8.43
C LYS A 143 -14.50 8.27 8.37
N PHE A 144 -13.82 7.80 9.42
CA PHE A 144 -12.38 8.02 9.55
C PHE A 144 -11.49 7.10 8.70
N TYR A 145 -12.07 6.13 7.99
CA TYR A 145 -11.28 5.32 7.06
C TYR A 145 -12.14 4.94 5.91
N GLN A 146 -11.52 4.54 4.82
CA GLN A 146 -12.27 4.18 3.61
C GLN A 146 -11.70 2.87 3.10
N LEU A 147 -12.58 2.01 2.61
CA LEU A 147 -12.19 0.76 1.94
C LEU A 147 -12.73 0.83 0.54
N ASP A 148 -12.13 0.12 -0.39
CA ASP A 148 -12.74 -0.06 -1.68
C ASP A 148 -13.68 -1.29 -1.65
N ALA A 149 -14.97 -1.05 -1.45
CA ALA A 149 -15.96 -2.17 -1.36
C ALA A 149 -16.00 -3.09 -2.62
N GLY A 150 -15.94 -2.53 -3.81
CA GLY A 150 -15.87 -3.36 -5.00
C GLY A 150 -14.64 -4.25 -5.02
N ALA A 151 -13.52 -3.76 -4.51
CA ALA A 151 -12.27 -4.53 -4.56
C ALA A 151 -12.33 -5.65 -3.56
N ILE A 152 -12.83 -5.32 -2.40
CA ILE A 152 -13.05 -6.26 -1.32
C ILE A 152 -13.95 -7.39 -1.76
N SER A 153 -15.07 -7.05 -2.40
CA SER A 153 -16.02 -8.08 -2.85
C SER A 153 -15.36 -9.03 -3.78
N TYR A 154 -14.59 -8.45 -4.70
CA TYR A 154 -13.86 -9.25 -5.65
C TYR A 154 -12.90 -10.23 -4.98
N ALA A 155 -12.09 -9.78 -4.05
CA ALA A 155 -11.21 -10.73 -3.36
C ALA A 155 -12.02 -11.76 -2.55
N CYS A 156 -13.09 -11.32 -1.89
CA CYS A 156 -13.77 -12.19 -0.93
C CYS A 156 -14.43 -13.41 -1.60
N ARG A 157 -14.84 -13.27 -2.86
CA ARG A 157 -15.30 -14.37 -3.70
C ARG A 157 -14.35 -15.52 -3.80
N GLU A 158 -13.07 -15.24 -4.05
CA GLU A 158 -12.08 -16.30 -4.11
C GLU A 158 -11.73 -16.76 -2.69
N ILE A 159 -11.58 -15.85 -1.74
CA ILE A 159 -11.22 -16.25 -0.38
C ILE A 159 -12.25 -17.28 0.08
N SER A 160 -13.53 -16.96 -0.13
CA SER A 160 -14.64 -17.84 0.21
C SER A 160 -14.47 -19.19 -0.41
N GLU A 161 -14.30 -19.21 -1.71
CA GLU A 161 -14.15 -20.44 -2.42
C GLU A 161 -12.90 -21.17 -2.04
N ARG A 162 -11.78 -20.48 -1.95
CA ARG A 162 -10.53 -21.22 -1.85
C ARG A 162 -10.20 -21.72 -0.43
N TYR A 163 -10.54 -20.96 0.60
CA TYR A 163 -10.20 -21.33 1.97
C TYR A 163 -11.38 -22.01 2.71
N PHE A 164 -12.61 -21.62 2.38
CA PHE A 164 -13.79 -22.15 3.12
C PHE A 164 -14.58 -23.31 2.50
N ASP A 165 -14.55 -23.43 1.20
CA ASP A 165 -15.36 -24.43 0.53
C ASP A 165 -15.24 -25.85 1.03
N PRO A 166 -14.01 -26.35 1.19
CA PRO A 166 -13.90 -27.76 1.62
C PRO A 166 -14.61 -28.06 2.94
N ALA A 167 -14.37 -27.26 3.96
CA ALA A 167 -15.07 -27.39 5.25
C ALA A 167 -16.56 -27.12 5.07
N PHE A 168 -16.93 -26.14 4.25
CA PHE A 168 -18.35 -25.90 4.00
C PHE A 168 -19.02 -27.16 3.46
N TRP A 169 -18.49 -27.72 2.39
CA TRP A 169 -19.07 -28.92 1.79
C TRP A 169 -18.94 -30.17 2.65
N ALA A 170 -17.93 -30.28 3.52
CA ALA A 170 -17.89 -31.40 4.43
C ALA A 170 -19.01 -31.21 5.45
N ALA A 171 -19.30 -29.98 5.83
CA ALA A 171 -20.40 -29.78 6.71
C ALA A 171 -21.72 -30.09 6.04
N VAL A 172 -21.88 -29.73 4.78
CA VAL A 172 -23.12 -30.03 4.07
C VAL A 172 -23.28 -31.54 3.93
N ASP A 173 -22.21 -32.22 3.52
CA ASP A 173 -22.22 -33.67 3.35
C ASP A 173 -22.66 -34.34 4.62
N GLY A 174 -22.36 -33.73 5.77
CA GLY A 174 -22.62 -34.36 7.05
C GLY A 174 -23.75 -33.75 7.84
N LEU A 175 -24.65 -32.99 7.23
CA LEU A 175 -25.76 -32.40 7.98
C LEU A 175 -26.74 -33.37 8.67
N GLY A 176 -26.91 -34.57 8.12
CA GLY A 176 -27.92 -35.49 8.64
C GLY A 176 -29.37 -35.16 8.22
N TYR A 177 -29.50 -34.41 7.13
CA TYR A 177 -30.77 -34.05 6.53
C TYR A 177 -30.44 -33.26 5.27
N THR A 178 -31.40 -33.23 4.40
CA THR A 178 -31.35 -32.56 3.13
C THR A 178 -32.18 -31.27 3.37
N PRO A 179 -31.65 -30.11 3.10
CA PRO A 179 -32.42 -28.87 3.35
C PRO A 179 -33.53 -28.61 2.35
N THR A 180 -34.54 -27.83 2.75
CA THR A 180 -35.66 -27.42 1.89
C THR A 180 -35.66 -25.93 1.64
N THR A 181 -35.30 -25.15 2.66
CA THR A 181 -35.07 -23.74 2.46
C THR A 181 -33.80 -23.34 3.23
N VAL A 182 -32.88 -22.67 2.57
CA VAL A 182 -31.64 -22.23 3.20
C VAL A 182 -31.60 -20.72 3.17
N ALA A 183 -31.19 -20.11 4.27
CA ALA A 183 -30.88 -18.68 4.26
C ALA A 183 -29.43 -18.48 4.51
N ASP A 184 -28.84 -17.54 3.81
CA ASP A 184 -27.40 -17.24 3.92
C ASP A 184 -27.27 -15.78 4.33
N LEU A 185 -26.59 -15.57 5.44
CA LEU A 185 -26.37 -14.23 5.98
C LEU A 185 -25.01 -13.66 5.49
N GLY A 186 -25.07 -12.48 4.88
CA GLY A 186 -23.89 -11.90 4.24
C GLY A 186 -23.68 -12.59 2.90
N SER A 187 -24.80 -12.78 2.19
CA SER A 187 -24.85 -13.63 0.95
C SER A 187 -23.94 -13.13 -0.20
N GLY A 188 -23.59 -11.84 -0.20
CA GLY A 188 -22.57 -11.32 -1.14
C GLY A 188 -22.96 -11.44 -2.61
N SER A 189 -22.15 -12.17 -3.37
CA SER A 189 -22.39 -12.50 -4.79
C SER A 189 -23.52 -13.51 -5.03
N GLY A 190 -23.96 -14.17 -3.97
CA GLY A 190 -25.03 -15.17 -4.13
C GLY A 190 -24.49 -16.53 -4.52
N GLU A 191 -23.18 -16.64 -4.65
CA GLU A 191 -22.57 -17.84 -5.15
C GLU A 191 -22.81 -19.03 -4.23
N ARG A 192 -22.78 -18.83 -2.91
CA ARG A 192 -23.09 -19.93 -2.02
C ARG A 192 -24.49 -20.49 -2.24
N LEU A 193 -25.47 -19.63 -2.40
CA LEU A 193 -26.84 -20.08 -2.60
C LEU A 193 -27.03 -20.77 -3.97
N ILE A 194 -26.34 -20.29 -4.99
CA ILE A 194 -26.35 -20.94 -6.27
C ILE A 194 -25.79 -22.37 -6.21
N GLN A 195 -24.67 -22.56 -5.56
CA GLN A 195 -24.08 -23.91 -5.42
C GLN A 195 -24.94 -24.81 -4.60
N ILE A 196 -25.56 -24.28 -3.56
CA ILE A 196 -26.54 -25.06 -2.80
C ILE A 196 -27.74 -25.49 -3.70
N ALA A 197 -28.31 -24.55 -4.47
CA ALA A 197 -29.34 -24.92 -5.48
C ALA A 197 -28.86 -25.97 -6.49
N ARG A 198 -27.61 -25.95 -6.89
CA ARG A 198 -27.11 -26.92 -7.88
C ARG A 198 -27.03 -28.32 -7.26
N ARG A 199 -26.57 -28.39 -6.01
CA ARG A 199 -26.51 -29.64 -5.27
C ARG A 199 -27.94 -30.18 -4.87
N PHE A 200 -28.91 -29.29 -4.63
CA PHE A 200 -30.18 -29.60 -4.04
C PHE A 200 -31.28 -28.97 -4.85
N PRO A 201 -31.59 -29.57 -6.01
CA PRO A 201 -32.52 -28.97 -6.94
C PRO A 201 -33.89 -28.73 -6.28
N GLY A 202 -34.53 -27.63 -6.57
CA GLY A 202 -35.76 -27.39 -5.83
C GLY A 202 -35.64 -27.07 -4.34
N VAL A 203 -34.43 -26.90 -3.80
CA VAL A 203 -34.31 -26.13 -2.55
C VAL A 203 -34.66 -24.65 -2.79
N ARG A 204 -35.29 -23.98 -1.84
CA ARG A 204 -35.50 -22.54 -1.89
C ARG A 204 -34.35 -21.81 -1.22
N GLY A 205 -33.88 -20.75 -1.85
CA GLY A 205 -32.79 -19.94 -1.34
C GLY A 205 -33.16 -18.52 -0.99
N LEU A 206 -32.54 -18.02 0.09
CA LEU A 206 -32.77 -16.67 0.58
C LEU A 206 -31.47 -16.03 1.13
N GLY A 207 -31.05 -14.92 0.51
CA GLY A 207 -29.83 -14.21 0.87
C GLY A 207 -30.15 -12.90 1.57
N VAL A 208 -29.49 -12.64 2.67
CA VAL A 208 -29.57 -11.38 3.37
C VAL A 208 -28.20 -10.70 3.32
N ASP A 209 -28.15 -9.46 2.85
CA ASP A 209 -26.90 -8.71 2.84
C ASP A 209 -27.20 -7.25 3.11
N ILE A 210 -26.29 -6.60 3.83
CA ILE A 210 -26.52 -5.26 4.27
C ILE A 210 -26.27 -4.27 3.13
N ALA A 211 -25.56 -4.71 2.08
CA ALA A 211 -25.12 -3.80 1.04
C ALA A 211 -25.98 -3.95 -0.21
N ASP A 212 -26.53 -2.82 -0.65
CA ASP A 212 -27.35 -2.75 -1.89
C ASP A 212 -26.59 -3.27 -3.13
N GLY A 213 -25.30 -3.01 -3.15
CA GLY A 213 -24.45 -3.48 -4.25
C GLY A 213 -24.38 -5.02 -4.34
N ALA A 214 -24.25 -5.68 -3.18
CA ALA A 214 -24.23 -7.15 -3.14
C ALA A 214 -25.57 -7.69 -3.58
N ILE A 215 -26.64 -7.10 -3.11
CA ILE A 215 -27.96 -7.60 -3.46
C ILE A 215 -28.16 -7.54 -4.97
N ALA A 216 -27.88 -6.36 -5.56
CA ALA A 216 -28.07 -6.15 -6.99
C ALA A 216 -27.19 -7.11 -7.80
N MET A 217 -25.92 -7.24 -7.43
CA MET A 217 -24.99 -8.26 -8.00
C MET A 217 -25.58 -9.69 -7.99
N ALA A 218 -26.04 -10.10 -6.81
CA ALA A 218 -26.50 -11.45 -6.60
C ALA A 218 -27.77 -11.67 -7.42
N GLU A 219 -28.67 -10.68 -7.37
CA GLU A 219 -29.91 -10.74 -8.13
C GLU A 219 -29.66 -10.93 -9.62
N LYS A 220 -28.68 -10.21 -10.18
CA LYS A 220 -28.35 -10.32 -11.60
C LYS A 220 -27.82 -11.74 -11.93
N GLU A 221 -26.85 -12.18 -11.13
CA GLU A 221 -26.22 -13.46 -11.29
C GLU A 221 -27.25 -14.62 -11.22
N VAL A 222 -28.18 -14.53 -10.29
CA VAL A 222 -29.16 -15.57 -10.09
C VAL A 222 -30.15 -15.66 -11.28
N ALA A 223 -30.67 -14.51 -11.70
CA ALA A 223 -31.60 -14.48 -12.82
C ALA A 223 -30.87 -14.89 -14.09
N ALA A 224 -29.64 -14.40 -14.27
CA ALA A 224 -28.84 -14.78 -15.45
C ALA A 224 -28.68 -16.30 -15.59
N LYS A 225 -28.41 -16.98 -14.47
CA LYS A 225 -28.19 -18.43 -14.51
C LYS A 225 -29.45 -19.28 -14.52
N GLY A 226 -30.61 -18.66 -14.40
CA GLY A 226 -31.87 -19.38 -14.49
C GLY A 226 -32.44 -19.79 -13.14
N PHE A 227 -31.96 -19.16 -12.05
CA PHE A 227 -32.36 -19.50 -10.66
C PHE A 227 -33.34 -18.53 -10.07
N GLY A 228 -34.05 -17.81 -10.94
CA GLY A 228 -34.87 -16.68 -10.54
C GLY A 228 -36.04 -17.03 -9.66
N ASP A 229 -36.64 -18.18 -9.89
CA ASP A 229 -37.76 -18.63 -9.07
C ASP A 229 -37.28 -19.00 -7.65
N GLN A 230 -36.15 -19.70 -7.64
CA GLN A 230 -35.65 -20.41 -6.48
C GLN A 230 -34.95 -19.56 -5.38
N ILE A 231 -34.23 -18.53 -5.78
CA ILE A 231 -33.41 -17.73 -4.87
C ILE A 231 -33.76 -16.26 -4.93
N SER A 232 -34.05 -15.68 -3.77
CA SER A 232 -34.30 -14.24 -3.60
C SER A 232 -33.37 -13.66 -2.56
N PHE A 233 -33.40 -12.32 -2.46
CA PHE A 233 -32.45 -11.57 -1.67
C PHE A 233 -33.20 -10.47 -0.98
N VAL A 234 -32.73 -10.14 0.21
CA VAL A 234 -33.32 -9.06 0.95
C VAL A 234 -32.20 -8.30 1.62
N ARG A 235 -32.30 -6.97 1.58
CA ARG A 235 -31.32 -6.14 2.15
C ARG A 235 -31.57 -6.07 3.63
N GLY A 236 -30.55 -6.27 4.43
CA GLY A 236 -30.75 -6.19 5.87
C GLY A 236 -29.50 -6.44 6.66
N ASP A 237 -29.53 -6.04 7.93
CA ASP A 237 -28.40 -6.12 8.83
C ASP A 237 -28.61 -7.34 9.73
N ALA A 238 -27.74 -8.33 9.60
CA ALA A 238 -27.92 -9.57 10.35
C ALA A 238 -27.76 -9.35 11.88
N ARG A 239 -27.09 -8.28 12.26
CA ARG A 239 -26.90 -7.97 13.68
C ARG A 239 -28.24 -7.67 14.34
N THR A 240 -29.17 -7.12 13.54
CA THR A 240 -30.54 -6.91 13.93
C THR A 240 -31.48 -7.68 12.97
N ILE A 241 -31.25 -8.98 12.88
CA ILE A 241 -32.01 -9.83 11.96
C ILE A 241 -33.46 -9.86 12.35
N ASP A 242 -33.74 -9.59 13.63
CA ASP A 242 -35.13 -9.50 14.08
C ASP A 242 -35.91 -8.38 13.44
N GLN A 243 -35.28 -7.38 12.84
CA GLN A 243 -36.06 -6.31 12.20
C GLN A 243 -36.21 -6.48 10.70
N VAL A 244 -35.63 -7.52 10.11
CA VAL A 244 -35.67 -7.67 8.68
C VAL A 244 -37.00 -8.33 8.33
N SER A 245 -37.83 -7.68 7.51
CA SER A 245 -39.02 -8.37 6.97
C SER A 245 -38.67 -9.19 5.72
N ALA A 246 -39.15 -10.43 5.68
CA ALA A 246 -39.06 -11.23 4.46
C ALA A 246 -40.38 -12.05 4.21
N ARG A 247 -41.50 -11.38 4.49
CA ARG A 247 -42.85 -11.93 4.26
C ARG A 247 -43.02 -13.33 4.87
N GLY A 248 -42.53 -13.51 6.10
CA GLY A 248 -42.62 -14.82 6.83
C GLY A 248 -41.80 -15.98 6.30
N GLU A 249 -40.90 -15.73 5.35
CA GLU A 249 -40.04 -16.80 4.80
C GLU A 249 -39.00 -17.36 5.82
N PHE A 250 -38.56 -16.52 6.74
CA PHE A 250 -37.64 -16.95 7.78
C PHE A 250 -38.17 -18.13 8.56
N ALA A 251 -39.50 -18.24 8.73
CA ALA A 251 -40.07 -19.41 9.46
C ALA A 251 -39.86 -20.75 8.73
N GLU A 252 -39.64 -20.67 7.43
CA GLU A 252 -39.51 -21.86 6.60
C GLU A 252 -38.10 -22.40 6.52
N VAL A 253 -37.11 -21.60 6.92
CA VAL A 253 -35.70 -21.93 6.70
C VAL A 253 -35.31 -23.10 7.63
N ASP A 254 -34.76 -24.17 7.07
CA ASP A 254 -34.27 -25.25 7.90
C ASP A 254 -32.72 -25.38 7.95
N LEU A 255 -32.03 -24.58 7.16
CA LEU A 255 -30.55 -24.52 7.17
C LEU A 255 -30.14 -23.06 7.11
N LEU A 256 -29.25 -22.65 8.00
CA LEU A 256 -28.74 -21.29 7.99
C LEU A 256 -27.24 -21.31 7.82
N THR A 257 -26.74 -20.38 7.04
CA THR A 257 -25.34 -20.30 6.81
C THR A 257 -24.88 -18.86 6.92
N CYS A 258 -23.65 -18.67 7.38
CA CYS A 258 -23.09 -17.34 7.58
C CYS A 258 -21.57 -17.47 7.54
N PHE A 259 -20.98 -16.99 6.45
CA PHE A 259 -19.54 -17.12 6.19
C PHE A 259 -18.83 -15.77 6.05
N MET A 260 -17.73 -15.59 6.79
CA MET A 260 -16.87 -14.44 6.69
C MET A 260 -17.42 -13.14 7.20
N MET A 261 -18.48 -13.16 8.01
CA MET A 261 -18.99 -11.92 8.56
C MET A 261 -19.29 -11.95 10.05
N GLY A 262 -19.29 -13.15 10.65
CA GLY A 262 -19.74 -13.35 12.04
C GLY A 262 -19.04 -12.49 13.07
N HIS A 263 -17.77 -12.17 12.83
CA HIS A 263 -17.06 -11.39 13.79
C HIS A 263 -17.76 -10.04 13.95
N ALA A 264 -18.55 -9.63 12.96
CA ALA A 264 -19.35 -8.39 13.07
C ALA A 264 -20.46 -8.41 14.16
N PHE A 265 -20.77 -9.58 14.72
CA PHE A 265 -21.77 -9.68 15.79
C PHE A 265 -21.23 -9.24 17.14
N TRP A 266 -19.91 -9.05 17.23
CA TRP A 266 -19.20 -8.79 18.46
C TRP A 266 -19.11 -7.27 18.66
N PRO A 267 -18.80 -6.80 19.85
CA PRO A 267 -18.46 -7.47 21.07
C PRO A 267 -19.45 -8.48 21.64
N ARG A 268 -19.02 -9.06 22.75
CA ARG A 268 -19.64 -10.22 23.32
C ARG A 268 -21.11 -10.08 23.64
N GLU A 269 -21.48 -9.03 24.34
CA GLU A 269 -22.86 -8.92 24.77
C GLU A 269 -23.71 -8.76 23.55
N ASN A 270 -23.24 -7.97 22.60
CA ASN A 270 -23.86 -7.86 21.26
C ASN A 270 -24.02 -9.21 20.53
N CYS A 271 -23.02 -10.05 20.59
CA CYS A 271 -23.05 -11.34 19.91
C CYS A 271 -24.12 -12.30 20.49
N VAL A 272 -24.13 -12.40 21.81
CA VAL A 272 -25.18 -13.12 22.55
C VAL A 272 -26.58 -12.69 22.08
N GLN A 273 -26.82 -11.39 22.05
CA GLN A 273 -28.13 -10.92 21.68
C GLN A 273 -28.41 -11.26 20.23
N THR A 274 -27.41 -11.07 19.36
CA THR A 274 -27.61 -11.39 17.95
C THR A 274 -27.90 -12.87 17.73
N LEU A 275 -27.25 -13.72 18.49
CA LEU A 275 -27.41 -15.15 18.36
C LEU A 275 -28.81 -15.56 18.84
N ARG A 276 -29.29 -14.88 19.88
CA ARG A 276 -30.61 -15.14 20.41
CA ARG A 276 -30.61 -15.11 20.42
C ARG A 276 -31.65 -14.66 19.38
N LYS A 277 -31.40 -13.53 18.72
CA LYS A 277 -32.32 -13.07 17.68
C LYS A 277 -32.35 -13.98 16.48
N LEU A 278 -31.19 -14.54 16.13
CA LEU A 278 -31.18 -15.50 15.00
C LEU A 278 -31.96 -16.70 15.40
N ARG A 279 -31.83 -17.08 16.65
CA ARG A 279 -32.57 -18.26 17.08
C ARG A 279 -34.11 -18.09 16.97
N ALA A 280 -34.59 -16.89 17.25
CA ALA A 280 -36.02 -16.59 17.24
C ALA A 280 -36.54 -16.34 15.87
N ALA A 281 -35.73 -15.71 15.02
CA ALA A 281 -36.15 -15.31 13.68
C ALA A 281 -36.22 -16.51 12.76
N PHE A 282 -35.45 -17.55 13.12
CA PHE A 282 -35.35 -18.83 12.38
C PHE A 282 -35.67 -20.05 13.23
N PRO A 283 -36.93 -20.23 13.56
CA PRO A 283 -37.25 -21.23 14.58
C PRO A 283 -37.24 -22.64 14.05
N ASN A 284 -37.18 -22.83 12.75
CA ASN A 284 -37.15 -24.17 12.25
C ASN A 284 -35.79 -24.57 11.72
N VAL A 285 -34.78 -23.73 11.97
CA VAL A 285 -33.43 -24.03 11.52
C VAL A 285 -32.96 -25.21 12.36
N ARG A 286 -32.42 -26.21 11.67
CA ARG A 286 -31.86 -27.36 12.30
C ARG A 286 -30.37 -27.20 12.47
N ARG A 287 -29.63 -26.90 11.43
CA ARG A 287 -28.21 -26.51 11.59
C ARG A 287 -27.93 -25.11 11.09
N PHE A 288 -27.01 -24.44 11.80
CA PHE A 288 -26.49 -23.16 11.50
C PHE A 288 -24.98 -23.32 11.33
N LEU A 289 -24.54 -23.15 10.09
CA LEU A 289 -23.13 -23.24 9.69
C LEU A 289 -22.52 -21.82 9.74
N LEU A 290 -21.48 -21.66 10.55
CA LEU A 290 -20.89 -20.37 10.85
C LEU A 290 -19.38 -20.53 10.63
N GLY A 291 -18.90 -19.85 9.59
CA GLY A 291 -17.50 -19.88 9.21
C GLY A 291 -16.90 -18.49 9.32
N ASP A 292 -15.73 -18.38 9.92
CA ASP A 292 -15.01 -17.13 10.00
C ASP A 292 -13.52 -17.33 10.30
N ALA A 293 -12.77 -16.26 10.09
CA ALA A 293 -11.43 -16.16 10.59
C ALA A 293 -11.48 -15.47 11.96
N THR A 294 -10.52 -15.87 12.80
CA THR A 294 -10.48 -15.46 14.20
C THR A 294 -9.17 -14.77 14.59
N ARG A 295 -9.20 -14.07 15.72
CA ARG A 295 -7.99 -13.47 16.27
C ARG A 295 -7.13 -14.58 16.84
N THR A 296 -5.85 -14.63 16.48
CA THR A 296 -4.91 -15.64 17.00
C THR A 296 -4.34 -15.16 18.34
N VAL A 297 -3.71 -16.05 19.11
CA VAL A 297 -3.01 -15.63 20.36
C VAL A 297 -1.65 -16.34 20.45
N GLY A 298 -0.66 -15.59 20.92
CA GLY A 298 0.71 -16.05 21.11
C GLY A 298 1.52 -16.56 19.93
N ILE A 299 1.25 -16.12 18.70
CA ILE A 299 2.16 -16.47 17.60
C ILE A 299 3.36 -15.54 17.67
N PRO A 300 4.59 -16.09 17.66
CA PRO A 300 5.75 -15.18 17.65
C PRO A 300 5.73 -14.28 16.38
N ASP A 301 6.07 -13.01 16.55
CA ASP A 301 6.11 -11.99 15.46
C ASP A 301 6.83 -12.42 14.19
N ARG A 302 7.97 -13.09 14.32
CA ARG A 302 8.71 -13.50 13.12
C ARG A 302 8.13 -14.75 12.45
N GLU A 303 7.13 -15.40 13.04
CA GLU A 303 6.53 -16.60 12.47
C GLU A 303 5.06 -16.42 12.06
N LEU A 304 4.62 -15.19 11.88
CA LEU A 304 3.25 -14.89 11.60
C LEU A 304 2.96 -15.33 10.21
N PRO A 305 1.92 -16.17 10.03
CA PRO A 305 1.62 -16.57 8.64
C PRO A 305 0.90 -15.50 7.84
N VAL A 306 0.68 -15.83 6.59
CA VAL A 306 -0.01 -14.97 5.69
C VAL A 306 -1.41 -14.63 6.29
N PHE A 307 -1.90 -13.43 6.00
CA PHE A 307 -3.22 -12.93 6.44
C PHE A 307 -3.31 -12.45 7.90
N THR A 308 -2.87 -13.30 8.82
CA THR A 308 -3.08 -13.06 10.25
C THR A 308 -2.90 -11.58 10.65
N LEU A 309 -1.73 -11.04 10.36
CA LEU A 309 -1.38 -9.71 10.86
C LEU A 309 -2.26 -8.65 10.23
N GLY A 310 -2.56 -8.82 8.95
CA GLY A 310 -3.42 -7.85 8.23
C GLY A 310 -4.88 -7.83 8.69
N PHE A 311 -5.41 -9.02 8.97
CA PHE A 311 -6.77 -9.13 9.55
C PHE A 311 -6.87 -8.49 10.94
N GLU A 312 -5.94 -8.87 11.79
CA GLU A 312 -5.94 -8.40 13.16
C GLU A 312 -5.64 -6.90 13.25
N PHE A 313 -4.64 -6.46 12.52
CA PHE A 313 -4.21 -5.08 12.54
C PHE A 313 -5.25 -4.15 11.96
N GLY A 314 -5.83 -4.56 10.83
CA GLY A 314 -6.84 -3.74 10.17
C GLY A 314 -8.13 -3.57 10.99
N HIS A 315 -8.61 -4.64 11.61
CA HIS A 315 -9.76 -4.50 12.51
C HIS A 315 -9.39 -3.65 13.72
N ASP A 316 -8.19 -3.79 14.28
CA ASP A 316 -7.88 -2.90 15.41
C ASP A 316 -7.84 -1.43 14.98
N MET A 317 -7.34 -1.16 13.78
CA MET A 317 -7.40 0.18 13.23
C MET A 317 -8.86 0.66 13.00
N MET A 318 -9.76 -0.21 12.53
CA MET A 318 -11.13 0.19 12.24
C MET A 318 -11.96 0.27 13.50
N GLY A 319 -11.41 -0.14 14.62
CA GLY A 319 -12.16 -0.12 15.86
C GLY A 319 -13.12 -1.28 16.06
N GLU A 320 -12.98 -2.34 15.25
CA GLU A 320 -13.89 -3.48 15.20
C GLU A 320 -13.35 -4.64 15.98
N TYR A 321 -14.19 -5.21 16.81
CA TYR A 321 -13.84 -6.30 17.67
C TYR A 321 -13.55 -7.53 16.81
N LEU A 322 -12.54 -8.31 17.16
CA LEU A 322 -12.28 -9.58 16.53
C LEU A 322 -12.08 -10.59 17.64
N PRO A 323 -12.99 -11.55 17.72
CA PRO A 323 -12.88 -12.56 18.74
C PRO A 323 -11.88 -13.68 18.41
N THR A 324 -11.38 -14.29 19.45
CA THR A 324 -10.66 -15.50 19.34
C THR A 324 -11.63 -16.69 19.22
N LEU A 325 -11.06 -17.82 18.85
CA LEU A 325 -11.76 -19.06 18.77
C LEU A 325 -12.40 -19.47 20.14
N ASP A 326 -11.64 -19.33 21.19
CA ASP A 326 -12.11 -19.61 22.53
C ASP A 326 -13.30 -18.72 22.95
N GLU A 327 -13.22 -17.46 22.56
CA GLU A 327 -14.30 -16.52 22.85
C GLU A 327 -15.57 -17.04 22.16
N TRP A 328 -15.44 -17.48 20.90
CA TRP A 328 -16.59 -17.99 20.19
C TRP A 328 -17.09 -19.27 20.91
N ASP A 329 -16.20 -20.22 21.18
CA ASP A 329 -16.58 -21.49 21.83
C ASP A 329 -17.41 -21.15 23.06
N GLY A 330 -17.02 -20.09 23.73
CA GLY A 330 -17.69 -19.73 24.95
C GLY A 330 -18.94 -18.86 24.93
N VAL A 331 -19.42 -18.43 23.77
CA VAL A 331 -20.60 -17.55 23.69
C VAL A 331 -21.86 -18.28 23.21
N PHE A 332 -21.67 -19.49 22.65
CA PHE A 332 -22.75 -20.14 21.92
C PHE A 332 -23.95 -20.52 22.82
N GLU A 333 -23.69 -21.19 23.96
CA GLU A 333 -24.73 -21.64 24.84
C GLU A 333 -25.53 -20.42 25.38
N GLU A 334 -24.83 -19.43 25.89
CA GLU A 334 -25.50 -18.21 26.31
C GLU A 334 -26.35 -17.59 25.16
N GLY A 335 -25.86 -17.76 23.93
CA GLY A 335 -26.53 -17.33 22.74
C GLY A 335 -27.70 -18.15 22.27
N GLY A 336 -27.98 -19.26 22.95
CA GLY A 336 -29.10 -20.15 22.60
C GLY A 336 -28.78 -21.27 21.60
N TRP A 337 -27.51 -21.52 21.36
CA TRP A 337 -27.16 -22.54 20.42
C TRP A 337 -26.18 -23.52 21.04
N ARG A 338 -26.14 -24.70 20.45
CA ARG A 338 -25.26 -25.73 20.92
C ARG A 338 -24.33 -26.10 19.76
N CYS A 339 -23.05 -26.05 19.99
CA CYS A 339 -22.05 -26.47 18.99
C CYS A 339 -21.93 -27.98 18.94
N VAL A 340 -22.17 -28.56 17.77
CA VAL A 340 -22.11 -29.98 17.58
C VAL A 340 -20.99 -30.49 16.70
N LYS A 341 -20.42 -29.63 15.88
CA LYS A 341 -19.25 -29.97 15.06
C LYS A 341 -18.41 -28.75 14.81
N LYS A 342 -17.10 -28.96 14.68
CA LYS A 342 -16.16 -27.88 14.51
C LYS A 342 -15.02 -28.32 13.60
N HIS A 343 -14.74 -27.53 12.57
CA HIS A 343 -13.78 -27.87 11.54
C HIS A 343 -12.69 -26.82 11.58
N ALA A 344 -11.43 -27.24 11.74
CA ALA A 344 -10.26 -26.34 11.64
C ALA A 344 -9.99 -26.09 10.16
N ILE A 345 -9.70 -24.85 9.78
CA ILE A 345 -9.47 -24.52 8.37
C ILE A 345 -7.97 -24.51 8.07
N ASP A 346 -7.65 -24.93 6.82
CA ASP A 346 -6.31 -24.85 6.22
C ASP A 346 -5.86 -23.44 5.74
N SER A 347 -4.94 -22.88 6.50
CA SER A 347 -4.03 -21.89 5.95
C SER A 347 -4.63 -20.52 5.74
N LEU A 348 -5.66 -20.20 6.50
CA LEU A 348 -6.13 -18.84 6.59
C LEU A 348 -6.10 -18.40 8.01
N SER A 349 -4.92 -18.02 8.47
CA SER A 349 -4.72 -17.69 9.86
C SER A 349 -5.33 -18.87 10.68
N VAL A 350 -6.03 -18.61 11.77
CA VAL A 350 -6.88 -19.58 12.44
C VAL A 350 -8.35 -19.33 12.10
N SER A 351 -8.85 -20.15 11.20
CA SER A 351 -10.18 -20.05 10.73
C SER A 351 -10.93 -21.32 11.08
N VAL A 352 -12.26 -21.25 11.04
CA VAL A 352 -13.08 -22.33 11.54
C VAL A 352 -14.50 -22.34 10.90
N VAL A 353 -15.12 -23.52 10.91
CA VAL A 353 -16.54 -23.65 10.65
C VAL A 353 -17.14 -24.37 11.83
N PHE A 354 -18.03 -23.68 12.51
CA PHE A 354 -18.88 -24.28 13.50
C PHE A 354 -20.19 -24.74 12.88
N GLU A 355 -20.74 -25.84 13.41
CA GLU A 355 -22.09 -26.29 13.08
C GLU A 355 -22.86 -26.22 14.36
N LEU A 356 -23.90 -25.42 14.36
CA LEU A 356 -24.62 -25.16 15.56
C LEU A 356 -26.04 -25.74 15.41
N GLU A 357 -26.65 -26.08 16.51
CA GLU A 357 -28.08 -26.32 16.46
C GLU A 357 -28.81 -25.88 17.72
N HIS B 20 20.91 -18.81 -2.21
CA HIS B 20 21.30 -17.51 -1.61
C HIS B 20 21.09 -16.40 -2.65
N MET B 21 19.79 -16.31 -2.96
CA MET B 21 19.14 -15.17 -3.63
C MET B 21 18.65 -15.58 -5.05
N SER B 22 19.33 -16.54 -5.69
CA SER B 22 18.94 -17.01 -7.03
C SER B 22 18.44 -18.48 -7.07
N THR B 23 18.04 -19.09 -5.95
CA THR B 23 17.72 -20.57 -5.82
C THR B 23 16.33 -21.12 -6.38
N GLU B 24 16.00 -22.40 -6.06
CA GLU B 24 14.66 -23.13 -6.20
C GLU B 24 14.31 -24.06 -4.93
N VAL B 25 13.06 -24.08 -4.41
CA VAL B 25 12.84 -24.29 -2.92
C VAL B 25 11.80 -25.28 -2.29
N SER B 26 11.97 -25.57 -1.00
CA SER B 26 10.99 -26.39 -0.23
C SER B 26 9.65 -25.67 -0.04
N GLU B 27 8.64 -26.42 0.39
CA GLU B 27 7.28 -25.87 0.49
C GLU B 27 7.25 -24.99 1.71
N ALA B 28 7.91 -25.43 2.77
CA ALA B 28 8.05 -24.66 3.98
C ALA B 28 8.79 -23.35 3.76
N GLN B 29 9.74 -23.33 2.82
CA GLN B 29 10.49 -22.11 2.54
C GLN B 29 9.65 -21.15 1.74
N ALA B 30 8.90 -21.66 0.78
CA ALA B 30 8.07 -20.83 -0.05
C ALA B 30 6.94 -20.20 0.79
N ARG B 31 6.37 -21.00 1.71
CA ARG B 31 5.42 -20.53 2.70
C ARG B 31 5.97 -19.36 3.55
N ARG B 32 7.15 -19.52 4.14
CA ARG B 32 7.76 -18.46 4.92
C ARG B 32 8.02 -17.20 4.09
N ALA B 33 8.48 -17.36 2.87
CA ALA B 33 8.77 -16.23 2.00
C ALA B 33 7.55 -15.39 1.61
N VAL B 34 6.48 -16.06 1.25
CA VAL B 34 5.25 -15.39 0.88
C VAL B 34 4.61 -14.72 2.06
N ALA B 35 4.66 -15.35 3.20
CA ALA B 35 4.21 -14.67 4.42
C ALA B 35 5.02 -13.39 4.70
N ASP B 36 6.31 -13.44 4.50
CA ASP B 36 7.18 -12.23 4.66
C ASP B 36 6.89 -11.18 3.65
N ILE B 37 6.55 -11.55 2.44
CA ILE B 37 6.10 -10.54 1.54
C ILE B 37 4.84 -9.81 2.07
N PHE B 38 3.88 -10.59 2.52
CA PHE B 38 2.63 -10.09 3.03
C PHE B 38 2.94 -9.17 4.22
N ASN B 39 3.69 -9.65 5.19
CA ASN B 39 3.97 -8.83 6.37
C ASN B 39 4.84 -7.61 6.09
N SER B 40 5.73 -7.72 5.12
CA SER B 40 6.55 -6.57 4.74
C SER B 40 5.72 -5.42 4.28
N THR B 41 4.55 -5.73 3.72
CA THR B 41 3.65 -4.73 3.24
C THR B 41 3.14 -3.80 4.34
N LEU B 42 2.74 -4.41 5.44
CA LEU B 42 2.27 -3.71 6.60
C LEU B 42 3.40 -3.05 7.34
N ALA B 43 4.53 -3.77 7.44
CA ALA B 43 5.77 -3.17 8.05
C ALA B 43 6.16 -1.89 7.34
N SER B 44 6.16 -1.99 6.01
CA SER B 44 6.58 -0.89 5.12
C SER B 44 5.69 0.36 5.37
N SER B 45 4.39 0.17 5.40
CA SER B 45 3.48 1.25 5.70
C SER B 45 3.68 1.75 7.15
N ALA B 46 3.99 0.83 8.06
CA ALA B 46 4.21 1.25 9.45
C ALA B 46 5.50 2.08 9.67
N ILE B 47 6.51 1.93 8.83
CA ILE B 47 7.80 2.70 8.97
C ILE B 47 7.54 4.15 8.76
N GLY B 48 6.92 4.49 7.61
CA GLY B 48 6.37 5.85 7.43
C GLY B 48 5.51 6.37 8.57
N ALA B 49 4.61 5.56 9.09
CA ALA B 49 3.65 6.11 10.01
C ALA B 49 4.33 6.27 11.34
N ALA B 50 5.20 5.34 11.67
CA ALA B 50 5.90 5.39 12.89
C ALA B 50 6.87 6.58 12.93
N TRP B 51 7.31 7.04 11.77
CA TRP B 51 8.18 8.18 11.69
C TRP B 51 7.33 9.39 11.96
N GLU B 52 6.27 9.54 11.19
CA GLU B 52 5.35 10.68 11.32
C GLU B 52 4.73 10.82 12.70
N LEU B 53 4.51 9.70 13.39
CA LEU B 53 3.93 9.72 14.76
C LEU B 53 4.92 9.84 15.88
N GLY B 54 6.24 9.85 15.59
CA GLY B 54 7.24 10.13 16.62
C GLY B 54 7.86 8.92 17.25
N ALA B 55 7.44 7.72 16.85
CA ALA B 55 7.97 6.50 17.46
C ALA B 55 9.42 6.14 17.05
N LEU B 56 9.74 6.39 15.80
CA LEU B 56 11.08 6.01 15.32
C LEU B 56 12.11 6.87 16.03
N ASP B 57 11.82 8.17 16.16
CA ASP B 57 12.63 9.06 17.04
C ASP B 57 12.82 8.60 18.51
N GLU B 58 11.72 8.42 19.23
CA GLU B 58 11.81 7.86 20.58
C GLU B 58 12.71 6.63 20.59
N LEU B 59 12.53 5.72 19.66
CA LEU B 59 13.37 4.52 19.69
C LEU B 59 14.82 4.78 19.34
N ARG B 60 15.08 5.68 18.39
CA ARG B 60 16.46 6.02 17.99
C ARG B 60 17.22 6.61 19.22
N GLU B 61 16.57 7.54 19.92
CA GLU B 61 17.12 8.20 21.10
C GLU B 61 17.27 7.24 22.27
N ASN B 62 16.19 6.58 22.65
CA ASN B 62 16.17 5.72 23.86
C ASN B 62 16.43 4.23 23.69
N GLY B 63 16.45 3.73 22.45
CA GLY B 63 16.64 2.28 22.18
C GLY B 63 15.45 1.37 22.53
N LYS B 64 14.45 1.90 23.19
CA LYS B 64 13.27 1.14 23.63
C LYS B 64 12.15 2.08 24.02
N LEU B 65 10.96 1.52 24.17
CA LEU B 65 9.82 2.28 24.64
C LEU B 65 8.73 1.37 25.19
N ASP B 66 7.80 1.98 25.95
CA ASP B 66 6.64 1.30 26.52
C ASP B 66 5.39 1.64 25.70
N VAL B 67 4.69 0.64 25.19
CA VAL B 67 3.70 0.93 24.15
C VAL B 67 2.46 1.65 24.70
N SER B 68 1.96 1.25 25.87
CA SER B 68 0.83 1.94 26.44
C SER B 68 1.26 3.39 26.71
N ASP B 69 2.42 3.56 27.35
CA ASP B 69 2.87 4.89 27.68
C ASP B 69 2.89 5.77 26.44
N PHE B 70 3.53 5.25 25.39
CA PHE B 70 3.54 5.92 24.08
C PHE B 70 2.15 6.26 23.62
N ALA B 71 1.25 5.27 23.64
CA ALA B 71 -0.10 5.51 23.16
C ALA B 71 -0.82 6.58 23.96
N VAL B 72 -0.51 6.64 25.26
CA VAL B 72 -1.11 7.66 26.14
C VAL B 72 -0.56 9.04 25.85
N ARG B 73 0.76 9.15 25.90
CA ARG B 73 1.40 10.46 25.65
C ARG B 73 0.99 11.06 24.32
N HIS B 74 0.79 10.24 23.30
CA HIS B 74 0.47 10.78 22.00
C HIS B 74 -1.03 10.72 21.69
N ASP B 75 -1.82 10.20 22.64
CA ASP B 75 -3.27 10.10 22.53
C ASP B 75 -3.71 9.32 21.27
N LEU B 76 -3.28 8.07 21.25
CA LEU B 76 -3.47 7.18 20.11
C LEU B 76 -4.30 5.99 20.54
N HIS B 77 -5.17 5.55 19.65
CA HIS B 77 -5.86 4.25 19.83
C HIS B 77 -4.86 3.15 20.01
N GLU B 78 -4.74 2.64 21.23
CA GLU B 78 -3.66 1.69 21.61
C GLU B 78 -3.63 0.27 20.95
N PRO B 79 -4.79 -0.33 20.63
CA PRO B 79 -4.74 -1.61 19.90
C PRO B 79 -4.09 -1.49 18.53
N ALA B 80 -4.31 -0.37 17.88
CA ALA B 80 -3.73 -0.10 16.57
C ALA B 80 -2.23 0.18 16.72
N VAL B 81 -1.87 0.87 17.79
CA VAL B 81 -0.47 1.07 18.13
C VAL B 81 0.25 -0.22 18.37
N VAL B 82 -0.29 -1.13 19.17
CA VAL B 82 0.25 -2.50 19.20
C VAL B 82 0.43 -3.11 17.78
N GLY B 83 -0.59 -2.95 16.91
CA GLY B 83 -0.57 -3.50 15.55
C GLY B 83 0.60 -2.96 14.74
N MET B 84 0.85 -1.67 14.87
CA MET B 84 1.95 -1.00 14.21
C MET B 84 3.31 -1.55 14.60
N PHE B 85 3.57 -1.67 15.90
CA PHE B 85 4.79 -2.30 16.39
C PHE B 85 4.91 -3.75 16.06
N THR B 86 3.77 -4.46 16.03
CA THR B 86 3.81 -5.89 15.69
C THR B 86 4.20 -6.05 14.21
N ALA B 87 3.69 -5.18 13.36
CA ALA B 87 4.07 -5.18 11.92
C ALA B 87 5.60 -4.91 11.69
N LEU B 88 6.14 -3.97 12.43
CA LEU B 88 7.56 -3.68 12.40
C LEU B 88 8.37 -4.82 12.96
N ALA B 89 7.86 -5.48 14.00
CA ALA B 89 8.48 -6.65 14.56
C ALA B 89 8.43 -7.85 13.64
N SER B 90 7.46 -7.93 12.73
CA SER B 90 7.32 -9.15 11.91
C SER B 90 8.44 -9.40 10.94
N VAL B 91 9.17 -8.35 10.58
CA VAL B 91 10.32 -8.40 9.66
C VAL B 91 11.62 -7.88 10.33
N GLY B 92 11.66 -7.75 11.65
CA GLY B 92 12.92 -7.54 12.38
C GLY B 92 13.43 -6.11 12.54
N ILE B 93 12.53 -5.16 12.46
CA ILE B 93 12.91 -3.78 12.58
C ILE B 93 12.93 -3.41 14.05
N VAL B 94 11.99 -4.00 14.79
CA VAL B 94 11.90 -3.92 16.22
C VAL B 94 11.66 -5.32 16.79
N ARG B 95 11.69 -5.39 18.10
CA ARG B 95 11.50 -6.64 18.81
C ARG B 95 10.57 -6.26 19.94
N ARG B 96 9.49 -7.04 20.12
CA ARG B 96 8.55 -6.82 21.21
C ARG B 96 8.91 -7.70 22.44
N GLU B 97 8.83 -7.12 23.63
CA GLU B 97 9.16 -7.81 24.89
C GLU B 97 8.19 -7.31 25.93
N GLY B 98 7.30 -8.18 26.37
CA GLY B 98 6.23 -7.78 27.26
C GLY B 98 5.54 -6.53 26.73
N ALA B 99 5.56 -5.49 27.56
CA ALA B 99 4.95 -4.20 27.25
C ALA B 99 5.93 -3.24 26.49
N THR B 100 7.17 -3.69 26.29
CA THR B 100 8.15 -2.83 25.67
C THR B 100 8.49 -3.26 24.23
N VAL B 101 8.87 -2.26 23.46
CA VAL B 101 9.44 -2.47 22.14
C VAL B 101 10.88 -1.95 22.17
N VAL B 102 11.81 -2.75 21.68
CA VAL B 102 13.21 -2.41 21.59
C VAL B 102 13.66 -2.42 20.12
N VAL B 103 14.71 -1.66 19.79
CA VAL B 103 15.21 -1.64 18.43
C VAL B 103 15.60 -3.06 18.00
N GLY B 104 15.33 -3.43 16.75
CA GLY B 104 15.63 -4.75 16.24
C GLY B 104 16.86 -4.70 15.35
N PRO B 105 17.27 -5.84 14.80
CA PRO B 105 18.47 -5.88 13.99
C PRO B 105 18.44 -4.97 12.77
N TYR B 106 17.26 -4.70 12.21
CA TYR B 106 17.20 -3.87 10.99
C TYR B 106 16.76 -2.46 11.28
N PHE B 107 16.84 -2.06 12.55
CA PHE B 107 16.33 -0.73 12.93
C PHE B 107 17.06 0.39 12.25
N ASP B 108 18.39 0.36 12.31
CA ASP B 108 19.17 1.52 11.86
C ASP B 108 19.00 1.79 10.38
N GLU B 109 19.06 0.74 9.59
CA GLU B 109 18.88 0.83 8.17
C GLU B 109 17.43 1.28 7.80
N ALA B 110 16.40 0.67 8.39
CA ALA B 110 15.02 1.11 8.09
C ALA B 110 14.77 2.50 8.58
N ASN B 111 15.30 2.86 9.75
CA ASN B 111 15.16 4.24 10.16
C ASN B 111 15.90 5.17 9.21
N HIS B 112 17.05 4.75 8.69
CA HIS B 112 17.79 5.64 7.81
C HIS B 112 16.99 6.01 6.54
N HIS B 113 16.27 5.00 6.04
CA HIS B 113 15.52 5.10 4.84
C HIS B 113 14.04 5.37 5.03
N ARG B 114 13.64 5.84 6.19
CA ARG B 114 12.26 5.88 6.57
C ARG B 114 11.47 6.78 5.67
N SER B 115 12.13 7.81 5.15
CA SER B 115 11.40 8.76 4.32
C SER B 115 11.12 8.19 2.96
N LEU B 116 11.92 7.21 2.53
CA LEU B 116 11.63 6.47 1.29
C LEU B 116 10.42 5.56 1.52
N PHE B 117 10.28 5.02 2.71
CA PHE B 117 9.08 4.25 2.99
C PHE B 117 7.81 5.13 2.99
N HIS B 118 7.88 6.27 3.69
CA HIS B 118 6.81 7.24 3.73
C HIS B 118 6.40 7.68 2.34
N TRP B 119 7.38 8.01 1.53
CA TRP B 119 7.16 8.38 0.15
C TRP B 119 6.40 7.31 -0.63
N LEU B 120 6.82 6.06 -0.47
CA LEU B 120 6.25 4.94 -1.19
C LEU B 120 4.78 4.66 -0.74
N ASN B 121 4.52 4.76 0.55
CA ASN B 121 3.21 4.40 1.13
C ASN B 121 2.33 5.64 1.36
N GLN B 122 2.66 6.43 2.35
CA GLN B 122 1.85 7.62 2.64
C GLN B 122 1.73 8.54 1.46
N GLY B 123 2.76 8.60 0.64
CA GLY B 123 2.73 9.49 -0.49
C GLY B 123 2.23 8.92 -1.76
N SER B 124 2.77 7.79 -2.16
CA SER B 124 2.37 7.23 -3.46
C SER B 124 1.47 6.01 -3.43
N GLY B 125 1.06 5.55 -2.26
CA GLY B 125 0.23 4.35 -2.10
C GLY B 125 -0.95 4.21 -3.03
N GLU B 126 -1.73 5.28 -3.25
CA GLU B 126 -2.92 5.25 -4.15
C GLU B 126 -2.55 4.82 -5.55
N LEU B 127 -1.43 5.34 -6.04
CA LEU B 127 -0.99 5.05 -7.36
C LEU B 127 -0.75 3.56 -7.47
N PHE B 128 0.00 3.01 -6.51
CA PHE B 128 0.45 1.62 -6.60
C PHE B 128 -0.73 0.66 -6.31
N ARG B 129 -1.60 1.07 -5.44
CA ARG B 129 -2.74 0.25 -5.12
C ARG B 129 -3.63 0.10 -6.36
N ARG B 130 -3.88 1.21 -7.07
CA ARG B 130 -4.77 1.18 -8.25
C ARG B 130 -4.08 0.67 -9.49
N MET B 131 -2.95 -0.01 -9.32
CA MET B 131 -2.30 -0.70 -10.42
C MET B 131 -3.21 -1.31 -11.50
N PRO B 132 -4.28 -2.07 -11.12
CA PRO B 132 -5.00 -2.70 -12.21
C PRO B 132 -5.94 -1.75 -12.98
N GLN B 133 -6.26 -0.59 -12.41
CA GLN B 133 -6.98 0.49 -13.16
C GLN B 133 -6.00 1.42 -13.94
N VAL B 134 -4.72 1.39 -13.58
CA VAL B 134 -3.78 2.39 -14.11
C VAL B 134 -3.19 1.87 -15.38
N LEU B 135 -2.86 0.58 -15.38
CA LEU B 135 -2.23 -0.05 -16.51
C LEU B 135 -3.03 -0.08 -17.87
N PRO B 136 -4.39 -0.19 -17.81
CA PRO B 136 -5.13 -0.19 -19.10
C PRO B 136 -5.15 1.17 -19.88
N ASN B 137 -4.84 1.10 -21.18
CA ASN B 137 -4.83 2.30 -22.05
C ASN B 137 -6.15 3.08 -22.00
N GLU B 138 -7.26 2.39 -22.18
CA GLU B 138 -8.56 3.07 -22.11
C GLU B 138 -8.60 4.05 -20.92
N ASN B 139 -7.94 3.70 -19.81
CA ASN B 139 -7.99 4.55 -18.59
C ASN B 139 -6.97 5.70 -18.51
N ARG B 140 -5.94 5.68 -19.34
CA ARG B 140 -4.80 6.60 -19.19
C ARG B 140 -4.97 8.05 -19.76
N THR B 141 -5.97 8.79 -19.25
CA THR B 141 -6.18 10.19 -19.65
C THR B 141 -6.81 10.98 -18.50
N GLY B 142 -6.59 12.30 -18.50
CA GLY B 142 -7.12 13.15 -17.43
C GLY B 142 -6.45 12.86 -16.10
N LYS B 143 -7.23 12.95 -15.03
CA LYS B 143 -6.72 12.69 -13.70
C LYS B 143 -6.86 11.21 -13.38
N PHE B 144 -5.97 10.39 -13.94
CA PHE B 144 -6.08 8.94 -13.84
C PHE B 144 -5.34 8.25 -12.66
N TYR B 145 -4.72 9.04 -11.78
CA TYR B 145 -4.11 8.53 -10.54
C TYR B 145 -4.10 9.67 -9.58
N GLN B 146 -3.91 9.38 -8.30
CA GLN B 146 -3.89 10.41 -7.29
C GLN B 146 -2.72 10.17 -6.34
N LEU B 147 -1.93 11.22 -6.10
CA LEU B 147 -0.84 11.21 -5.12
C LEU B 147 -1.30 12.04 -3.97
N ASP B 148 -0.76 11.82 -2.78
CA ASP B 148 -1.09 12.66 -1.63
C ASP B 148 0.00 13.74 -1.59
N ALA B 149 -0.34 14.94 -2.09
CA ALA B 149 0.66 16.02 -2.22
C ALA B 149 1.33 16.47 -0.90
N GLY B 150 0.59 16.52 0.18
CA GLY B 150 1.15 16.95 1.43
C GLY B 150 2.06 15.90 2.03
N ALA B 151 1.80 14.62 1.73
CA ALA B 151 2.64 13.54 2.25
C ALA B 151 3.92 13.43 1.43
N ILE B 152 3.83 13.66 0.14
CA ILE B 152 4.97 13.70 -0.73
C ILE B 152 5.92 14.80 -0.24
N SER B 153 5.39 16.01 -0.10
CA SER B 153 6.13 17.12 0.46
C SER B 153 6.89 16.81 1.71
N TYR B 154 6.16 16.29 2.70
CA TYR B 154 6.69 15.91 4.01
C TYR B 154 7.90 14.95 3.91
N ALA B 155 7.78 14.03 2.98
CA ALA B 155 8.82 13.05 2.76
C ALA B 155 9.95 13.68 1.96
N CYS B 156 9.65 14.42 0.89
CA CYS B 156 10.68 15.00 0.05
C CYS B 156 11.59 15.97 0.84
N ARG B 157 11.05 16.58 1.88
CA ARG B 157 11.84 17.41 2.76
C ARG B 157 12.95 16.63 3.42
N GLU B 158 12.67 15.45 3.95
CA GLU B 158 13.75 14.70 4.58
C GLU B 158 14.61 14.02 3.50
N ILE B 159 14.05 13.63 2.36
CA ILE B 159 14.87 13.01 1.30
C ILE B 159 15.97 13.97 0.81
N SER B 160 15.57 15.20 0.55
CA SER B 160 16.50 16.26 0.21
C SER B 160 17.66 16.41 1.19
N GLU B 161 17.36 16.56 2.48
CA GLU B 161 18.39 16.73 3.54
C GLU B 161 19.23 15.50 3.66
N ARG B 162 18.60 14.37 3.84
CA ARG B 162 19.32 13.19 4.15
C ARG B 162 20.18 12.66 2.95
N TYR B 163 19.72 12.82 1.71
CA TYR B 163 20.43 12.17 0.61
C TYR B 163 21.25 13.14 -0.24
N PHE B 164 20.74 14.35 -0.39
CA PHE B 164 21.35 15.32 -1.29
C PHE B 164 22.25 16.35 -0.63
N ASP B 165 22.20 16.45 0.70
CA ASP B 165 22.98 17.49 1.40
C ASP B 165 24.51 17.37 1.28
N PRO B 166 25.10 16.20 1.54
CA PRO B 166 26.55 16.15 1.40
C PRO B 166 27.08 16.65 0.03
N ALA B 167 26.49 16.18 -1.06
CA ALA B 167 26.97 16.53 -2.36
C ALA B 167 26.63 18.00 -2.65
N PHE B 168 25.46 18.41 -2.20
CA PHE B 168 25.09 19.78 -2.39
C PHE B 168 26.09 20.72 -1.73
N TRP B 169 26.36 20.49 -0.45
CA TRP B 169 27.35 21.30 0.25
C TRP B 169 28.73 21.21 -0.40
N ALA B 170 29.17 20.01 -0.77
CA ALA B 170 30.46 19.87 -1.47
C ALA B 170 30.48 20.78 -2.68
N ALA B 171 29.39 20.82 -3.46
CA ALA B 171 29.36 21.66 -4.65
C ALA B 171 29.46 23.14 -4.32
N VAL B 172 28.73 23.58 -3.29
CA VAL B 172 28.83 24.96 -2.77
C VAL B 172 30.28 25.33 -2.41
N ASP B 173 30.93 24.49 -1.59
CA ASP B 173 32.38 24.55 -1.35
C ASP B 173 33.31 24.66 -2.59
N GLY B 174 32.96 24.02 -3.69
CA GLY B 174 33.74 24.14 -4.95
C GLY B 174 33.37 25.31 -5.86
N LEU B 175 32.60 26.28 -5.35
CA LEU B 175 32.03 27.33 -6.21
C LEU B 175 33.13 28.23 -6.84
N GLY B 176 34.17 28.55 -6.06
CA GLY B 176 35.23 29.45 -6.50
C GLY B 176 34.92 30.92 -6.22
N TYR B 177 33.64 31.20 -5.95
CA TYR B 177 33.16 32.55 -5.70
C TYR B 177 32.09 32.55 -4.62
N THR B 178 31.65 33.74 -4.22
CA THR B 178 30.64 33.93 -3.19
C THR B 178 29.40 34.52 -3.83
N PRO B 179 28.29 33.77 -3.81
CA PRO B 179 27.11 34.28 -4.50
C PRO B 179 26.52 35.49 -3.80
N THR B 180 25.86 36.31 -4.60
CA THR B 180 25.13 37.48 -4.12
C THR B 180 23.63 37.21 -4.24
N THR B 181 23.25 36.59 -5.35
CA THR B 181 21.87 36.30 -5.60
C THR B 181 21.72 34.91 -6.19
N VAL B 182 20.98 34.06 -5.46
CA VAL B 182 20.72 32.66 -5.81
C VAL B 182 19.26 32.35 -6.15
N ALA B 183 19.05 31.69 -7.29
CA ALA B 183 17.73 31.19 -7.69
C ALA B 183 17.65 29.66 -7.44
N ASP B 184 16.49 29.18 -6.97
CA ASP B 184 16.23 27.77 -6.69
C ASP B 184 15.00 27.37 -7.46
N LEU B 185 15.12 26.41 -8.37
CA LEU B 185 13.96 25.93 -9.17
C LEU B 185 13.32 24.67 -8.55
N GLY B 186 12.03 24.76 -8.27
CA GLY B 186 11.33 23.78 -7.45
C GLY B 186 11.72 23.96 -6.00
N SER B 187 11.58 25.18 -5.48
CA SER B 187 12.09 25.50 -4.14
C SER B 187 11.47 24.76 -2.95
N GLY B 188 10.25 24.22 -3.12
CA GLY B 188 9.52 23.51 -2.04
C GLY B 188 9.42 24.21 -0.69
N SER B 189 9.86 23.51 0.36
CA SER B 189 9.94 24.09 1.70
C SER B 189 10.70 25.42 1.79
N GLY B 190 11.60 25.71 0.84
CA GLY B 190 12.51 26.87 0.95
C GLY B 190 13.70 26.62 1.89
N GLU B 191 13.80 25.41 2.43
CA GLU B 191 14.91 25.03 3.31
C GLU B 191 16.30 25.15 2.68
N ARG B 192 16.38 24.99 1.36
CA ARG B 192 17.68 25.06 0.67
C ARG B 192 18.16 26.50 0.64
N LEU B 193 17.27 27.39 0.19
CA LEU B 193 17.53 28.84 0.22
C LEU B 193 17.84 29.39 1.62
N ILE B 194 17.22 28.82 2.65
CA ILE B 194 17.45 29.25 4.04
C ILE B 194 18.83 28.87 4.53
N GLN B 195 19.27 27.65 4.19
CA GLN B 195 20.59 27.18 4.64
C GLN B 195 21.74 27.88 3.89
N ILE B 196 21.46 28.29 2.65
CA ILE B 196 22.38 29.12 1.88
C ILE B 196 22.48 30.48 2.54
N ALA B 197 21.32 31.00 2.97
CA ALA B 197 21.22 32.29 3.64
C ALA B 197 22.10 32.26 4.89
N ARG B 198 21.94 31.24 5.72
CA ARG B 198 22.80 31.04 6.89
C ARG B 198 24.27 30.99 6.52
N ARG B 199 24.59 30.41 5.36
CA ARG B 199 25.96 30.19 4.96
C ARG B 199 26.59 31.44 4.37
N PHE B 200 25.77 32.25 3.70
CA PHE B 200 26.25 33.44 3.02
C PHE B 200 25.43 34.63 3.49
N PRO B 201 25.81 35.18 4.68
CA PRO B 201 25.19 36.37 5.24
C PRO B 201 25.05 37.47 4.19
N GLY B 202 23.86 38.03 4.04
CA GLY B 202 23.63 39.14 3.12
C GLY B 202 23.34 38.73 1.68
N VAL B 203 23.26 37.44 1.40
CA VAL B 203 22.83 36.97 0.08
C VAL B 203 21.32 37.21 -0.02
N ARG B 204 20.79 37.30 -1.24
CA ARG B 204 19.35 37.33 -1.46
C ARG B 204 18.96 36.07 -2.23
N GLY B 205 17.79 35.50 -1.91
CA GLY B 205 17.34 34.24 -2.50
C GLY B 205 15.99 34.32 -3.17
N LEU B 206 15.78 33.50 -4.18
CA LEU B 206 14.56 33.54 -4.97
C LEU B 206 14.07 32.13 -5.38
N GLY B 207 13.10 31.60 -4.65
CA GLY B 207 12.54 30.29 -4.99
C GLY B 207 11.49 30.36 -6.08
N VAL B 208 11.32 29.27 -6.79
CA VAL B 208 10.36 29.19 -7.85
C VAL B 208 9.77 27.81 -7.81
N ASP B 209 8.53 27.71 -7.37
CA ASP B 209 7.80 26.44 -7.40
C ASP B 209 6.57 26.53 -8.31
N ILE B 210 6.04 25.38 -8.71
CA ILE B 210 4.78 25.35 -9.45
C ILE B 210 3.56 25.28 -8.51
N ALA B 211 3.81 24.97 -7.24
CA ALA B 211 2.76 24.70 -6.25
C ALA B 211 2.64 25.81 -5.20
N ASP B 212 1.49 26.47 -5.24
CA ASP B 212 1.20 27.59 -4.35
C ASP B 212 1.26 27.13 -2.89
N GLY B 213 0.81 25.91 -2.64
CA GLY B 213 0.96 25.27 -1.33
C GLY B 213 2.39 25.31 -0.80
N ALA B 214 3.35 25.04 -1.70
CA ALA B 214 4.79 25.09 -1.36
C ALA B 214 5.26 26.55 -1.21
N ILE B 215 4.87 27.39 -2.15
CA ILE B 215 5.11 28.82 -1.99
C ILE B 215 4.76 29.23 -0.56
N ALA B 216 3.53 28.90 -0.15
CA ALA B 216 2.99 29.37 1.13
C ALA B 216 3.84 28.91 2.32
N MET B 217 4.11 27.62 2.37
CA MET B 217 4.91 27.04 3.46
C MET B 217 6.32 27.62 3.54
N ALA B 218 6.83 28.01 2.38
CA ALA B 218 8.19 28.57 2.28
C ALA B 218 8.23 30.00 2.82
N GLU B 219 7.33 30.85 2.31
CA GLU B 219 7.22 32.23 2.82
C GLU B 219 7.10 32.22 4.33
N LYS B 220 6.28 31.29 4.82
CA LYS B 220 6.10 31.05 6.26
C LYS B 220 7.40 30.61 6.94
N GLU B 221 8.08 29.62 6.36
CA GLU B 221 9.24 29.00 7.00
C GLU B 221 10.38 30.01 7.05
N VAL B 222 10.38 30.88 6.04
CA VAL B 222 11.37 31.95 5.92
C VAL B 222 11.12 33.07 6.93
N ALA B 223 9.88 33.58 6.97
CA ALA B 223 9.53 34.65 7.90
C ALA B 223 9.91 34.22 9.32
N ALA B 224 9.66 32.94 9.62
CA ALA B 224 9.93 32.34 10.95
C ALA B 224 11.41 32.37 11.33
N LYS B 225 12.25 32.27 10.31
CA LYS B 225 13.68 32.30 10.51
C LYS B 225 14.26 33.73 10.37
N GLY B 226 13.44 34.65 9.86
CA GLY B 226 13.79 36.07 9.79
C GLY B 226 14.54 36.45 8.52
N PHE B 227 14.28 35.72 7.44
CA PHE B 227 14.91 35.98 6.15
C PHE B 227 13.89 36.57 5.17
N GLY B 228 12.95 37.35 5.71
CA GLY B 228 11.88 38.01 4.91
C GLY B 228 12.40 38.96 3.84
N ASP B 229 13.44 39.73 4.20
CA ASP B 229 14.09 40.70 3.29
C ASP B 229 15.06 40.01 2.33
N GLN B 230 15.71 38.95 2.83
CA GLN B 230 16.65 38.18 2.05
C GLN B 230 15.93 37.37 0.94
N ILE B 231 14.87 36.64 1.28
CA ILE B 231 14.30 35.61 0.39
C ILE B 231 12.85 35.83 -0.04
N SER B 232 12.57 35.58 -1.31
CA SER B 232 11.23 35.70 -1.93
C SER B 232 10.91 34.52 -2.85
N PHE B 233 9.62 34.23 -3.04
CA PHE B 233 9.21 33.10 -3.88
C PHE B 233 8.36 33.55 -5.08
N VAL B 234 7.83 32.61 -5.84
CA VAL B 234 7.00 32.90 -7.03
C VAL B 234 6.44 31.63 -7.69
N ARG B 235 5.12 31.57 -7.87
CA ARG B 235 4.48 30.48 -8.62
C ARG B 235 5.05 30.51 -10.04
N GLY B 236 5.61 29.39 -10.48
CA GLY B 236 6.29 29.34 -11.77
C GLY B 236 6.58 27.92 -12.25
N ASP B 237 6.58 27.77 -13.58
CA ASP B 237 6.85 26.50 -14.24
C ASP B 237 8.23 26.58 -14.87
N ALA B 238 9.25 26.05 -14.18
CA ALA B 238 10.64 26.23 -14.61
C ALA B 238 10.97 25.64 -15.99
N ARG B 239 10.11 24.77 -16.51
CA ARG B 239 10.25 24.26 -17.90
C ARG B 239 10.05 25.32 -19.04
N THR B 240 9.41 26.44 -18.67
CA THR B 240 9.20 27.58 -19.54
C THR B 240 9.50 28.81 -18.66
N ILE B 241 10.77 28.95 -18.32
CA ILE B 241 11.18 29.99 -17.41
C ILE B 241 10.94 31.39 -18.01
N ASP B 242 10.93 31.47 -19.35
CA ASP B 242 10.71 32.73 -20.10
C ASP B 242 9.32 33.34 -19.85
N GLN B 243 8.30 32.49 -19.85
CA GLN B 243 6.93 32.93 -19.60
C GLN B 243 6.66 33.04 -18.09
N VAL B 244 7.51 33.78 -17.38
CA VAL B 244 7.42 33.89 -15.92
C VAL B 244 7.50 35.35 -15.47
N SER B 245 6.36 35.86 -15.02
CA SER B 245 6.33 37.15 -14.34
C SER B 245 7.30 36.97 -13.16
N ALA B 246 8.24 37.92 -13.01
CA ALA B 246 9.31 37.94 -11.95
C ALA B 246 10.73 37.81 -12.51
N ARG B 247 10.84 37.64 -13.83
CA ARG B 247 12.13 37.52 -14.51
C ARG B 247 12.89 38.85 -14.74
N GLY B 248 12.56 39.86 -13.94
CA GLY B 248 13.34 41.10 -13.85
C GLY B 248 14.40 41.00 -12.76
N GLU B 249 14.15 40.17 -11.77
CA GLU B 249 15.15 39.86 -10.75
C GLU B 249 16.16 38.81 -11.21
N PHE B 250 15.86 38.06 -12.27
CA PHE B 250 16.75 36.97 -12.74
C PHE B 250 18.12 37.44 -13.19
N ALA B 251 18.15 38.58 -13.90
CA ALA B 251 19.40 39.08 -14.44
C ALA B 251 20.51 39.19 -13.38
N GLU B 252 20.17 39.47 -12.13
CA GLU B 252 21.18 39.69 -11.10
C GLU B 252 21.68 38.40 -10.40
N VAL B 253 20.94 37.29 -10.57
CA VAL B 253 21.30 35.96 -10.01
C VAL B 253 22.64 35.43 -10.52
N ASP B 254 23.57 35.14 -9.61
CA ASP B 254 24.85 34.50 -10.01
C ASP B 254 25.02 32.98 -9.64
N LEU B 255 24.03 32.40 -8.96
CA LEU B 255 24.03 30.95 -8.61
C LEU B 255 22.64 30.32 -8.82
N LEU B 256 22.54 29.33 -9.69
CA LEU B 256 21.29 28.65 -9.91
C LEU B 256 21.31 27.23 -9.30
N THR B 257 20.21 26.80 -8.70
CA THR B 257 20.06 25.45 -8.18
C THR B 257 18.73 24.81 -8.61
N CYS B 258 18.71 23.48 -8.65
CA CYS B 258 17.53 22.72 -9.06
C CYS B 258 17.68 21.27 -8.62
N PHE B 259 16.95 20.88 -7.58
CA PHE B 259 17.11 19.56 -6.94
C PHE B 259 15.83 18.75 -6.98
N MET B 260 15.91 17.51 -7.41
CA MET B 260 14.80 16.55 -7.36
C MET B 260 13.61 16.86 -8.25
N MET B 261 13.78 17.69 -9.27
CA MET B 261 12.70 18.01 -10.19
C MET B 261 13.13 17.95 -11.65
N GLY B 262 14.42 17.71 -11.85
CA GLY B 262 15.03 17.89 -13.13
C GLY B 262 14.51 16.97 -14.16
N HIS B 263 14.06 15.81 -13.74
CA HIS B 263 13.55 14.82 -14.72
C HIS B 263 12.27 15.32 -15.40
N ALA B 264 11.67 16.37 -14.83
CA ALA B 264 10.47 17.00 -15.37
C ALA B 264 10.77 17.90 -16.56
N PHE B 265 12.07 18.17 -16.80
CA PHE B 265 12.45 18.94 -17.98
C PHE B 265 12.30 18.06 -19.17
N TRP B 266 12.25 16.75 -18.94
CA TRP B 266 12.29 15.81 -20.03
C TRP B 266 10.87 15.69 -20.57
N PRO B 267 10.70 14.98 -21.70
CA PRO B 267 11.69 14.32 -22.59
C PRO B 267 12.75 15.28 -23.21
N ARG B 268 13.74 14.72 -23.90
CA ARG B 268 14.99 15.44 -24.28
C ARG B 268 14.83 16.85 -24.91
N GLU B 269 14.23 16.93 -26.10
CA GLU B 269 14.18 18.22 -26.85
C GLU B 269 13.55 19.32 -25.97
N ASN B 270 12.60 18.95 -25.09
CA ASN B 270 12.06 19.86 -24.06
C ASN B 270 13.12 20.25 -23.02
N CYS B 271 13.97 19.27 -22.67
CA CYS B 271 15.06 19.50 -21.70
C CYS B 271 16.09 20.45 -22.34
N VAL B 272 16.58 20.06 -23.52
CA VAL B 272 17.40 20.95 -24.37
C VAL B 272 16.85 22.39 -24.47
N GLN B 273 15.57 22.55 -24.81
CA GLN B 273 14.99 23.90 -24.85
C GLN B 273 14.95 24.54 -23.47
N THR B 274 14.55 23.76 -22.46
CA THR B 274 14.45 24.34 -21.12
C THR B 274 15.85 24.81 -20.69
N LEU B 275 16.85 23.96 -20.88
CA LEU B 275 18.25 24.33 -20.57
C LEU B 275 18.65 25.58 -21.32
N ARG B 276 18.35 25.64 -22.62
CA ARG B 276 18.65 26.86 -23.42
C ARG B 276 17.94 28.08 -22.85
N LYS B 277 16.63 27.94 -22.59
CA LYS B 277 15.86 29.05 -22.00
C LYS B 277 16.46 29.47 -20.67
N LEU B 278 16.87 28.47 -19.87
CA LEU B 278 17.49 28.77 -18.57
C LEU B 278 18.83 29.50 -18.75
N ARG B 279 19.58 29.10 -19.78
CA ARG B 279 20.85 29.78 -20.04
C ARG B 279 20.61 31.28 -20.34
N ALA B 280 19.62 31.56 -21.19
CA ALA B 280 19.30 32.95 -21.59
C ALA B 280 18.65 33.72 -20.46
N ALA B 281 17.74 33.09 -19.74
CA ALA B 281 17.04 33.75 -18.63
C ALA B 281 17.94 34.18 -17.46
N PHE B 282 19.05 33.47 -17.27
CA PHE B 282 20.00 33.70 -16.14
C PHE B 282 21.41 33.86 -16.76
N PRO B 283 21.64 34.95 -17.48
CA PRO B 283 22.90 35.07 -18.21
C PRO B 283 24.09 35.39 -17.32
N ASN B 284 23.85 35.86 -16.10
CA ASN B 284 24.94 36.09 -15.14
C ASN B 284 25.17 34.95 -14.13
N VAL B 285 24.52 33.82 -14.38
CA VAL B 285 24.79 32.62 -13.63
C VAL B 285 26.12 32.07 -14.07
N ARG B 286 26.98 31.92 -13.08
CA ARG B 286 28.29 31.26 -13.17
C ARG B 286 28.20 29.73 -13.01
N ARG B 287 27.65 29.30 -11.89
CA ARG B 287 27.40 27.88 -11.61
C ARG B 287 25.91 27.51 -11.51
N PHE B 288 25.52 26.49 -12.22
CA PHE B 288 24.26 25.82 -12.05
C PHE B 288 24.40 24.40 -11.45
N LEU B 289 23.87 24.23 -10.24
CA LEU B 289 23.85 22.98 -9.51
C LEU B 289 22.50 22.26 -9.66
N LEU B 290 22.58 21.06 -10.22
CA LEU B 290 21.43 20.27 -10.65
C LEU B 290 21.63 18.87 -10.05
N GLY B 291 20.73 18.48 -9.14
CA GLY B 291 20.69 17.13 -8.51
C GLY B 291 19.38 16.40 -8.76
N ASP B 292 19.47 15.14 -9.13
CA ASP B 292 18.31 14.28 -9.27
C ASP B 292 18.68 12.80 -9.11
N ALA B 293 17.64 11.99 -8.91
CA ALA B 293 17.71 10.59 -9.11
C ALA B 293 17.47 10.27 -10.57
N THR B 294 18.00 9.15 -11.02
CA THR B 294 17.95 8.79 -12.41
C THR B 294 17.47 7.36 -12.55
N ARG B 295 17.21 6.94 -13.80
CA ARG B 295 16.75 5.61 -14.11
C ARG B 295 17.99 4.80 -14.25
N THR B 296 18.08 3.73 -13.46
CA THR B 296 19.13 2.74 -13.56
C THR B 296 18.97 1.79 -14.75
N VAL B 297 20.02 1.04 -15.01
CA VAL B 297 20.04 0.08 -16.12
C VAL B 297 20.77 -1.21 -15.73
N GLY B 298 20.16 -2.34 -15.99
CA GLY B 298 20.83 -3.63 -15.88
C GLY B 298 21.01 -4.15 -14.47
N ILE B 299 20.36 -3.55 -13.48
CA ILE B 299 20.40 -4.12 -12.11
C ILE B 299 19.55 -5.41 -12.08
N PRO B 300 20.11 -6.56 -11.63
CA PRO B 300 19.27 -7.76 -11.58
C PRO B 300 18.08 -7.58 -10.58
N ASP B 301 16.90 -8.00 -11.03
CA ASP B 301 15.66 -8.06 -10.23
C ASP B 301 15.85 -8.41 -8.75
N ARG B 302 16.55 -9.49 -8.47
CA ARG B 302 16.77 -9.89 -7.09
C ARG B 302 17.88 -9.13 -6.39
N GLU B 303 18.39 -8.05 -6.99
CA GLU B 303 19.38 -7.21 -6.29
C GLU B 303 19.01 -5.77 -6.26
N LEU B 304 17.73 -5.44 -6.47
CA LEU B 304 17.32 -4.05 -6.52
C LEU B 304 17.45 -3.47 -5.14
N PRO B 305 18.08 -2.31 -4.98
CA PRO B 305 18.21 -1.72 -3.65
C PRO B 305 17.00 -0.86 -3.31
N VAL B 306 17.02 -0.29 -2.13
CA VAL B 306 15.91 0.53 -1.75
C VAL B 306 15.67 1.65 -2.74
N PHE B 307 14.41 1.97 -2.94
CA PHE B 307 13.95 3.14 -3.75
C PHE B 307 13.78 2.91 -5.26
N THR B 308 14.84 2.42 -5.88
CA THR B 308 14.96 2.21 -7.33
C THR B 308 13.65 1.77 -7.97
N LEU B 309 13.14 0.61 -7.53
CA LEU B 309 12.00 0.01 -8.18
C LEU B 309 10.80 0.91 -8.08
N GLY B 310 10.64 1.51 -6.92
CA GLY B 310 9.51 2.36 -6.70
C GLY B 310 9.53 3.58 -7.57
N PHE B 311 10.69 4.19 -7.69
CA PHE B 311 10.84 5.44 -8.42
C PHE B 311 10.59 5.19 -9.91
N GLU B 312 11.22 4.15 -10.43
CA GLU B 312 11.15 3.85 -11.85
C GLU B 312 9.71 3.37 -12.24
N PHE B 313 9.16 2.46 -11.44
CA PHE B 313 7.85 1.85 -11.73
C PHE B 313 6.77 2.90 -11.60
N GLY B 314 6.84 3.68 -10.53
CA GLY B 314 5.90 4.76 -10.36
C GLY B 314 5.91 5.70 -11.56
N HIS B 315 7.09 6.07 -12.04
CA HIS B 315 7.18 7.02 -13.16
C HIS B 315 6.55 6.44 -14.43
N ASP B 316 6.86 5.16 -14.70
CA ASP B 316 6.24 4.40 -15.78
C ASP B 316 4.71 4.23 -15.66
N MET B 317 4.20 4.04 -14.46
CA MET B 317 2.77 4.11 -14.29
C MET B 317 2.26 5.51 -14.60
N MET B 318 2.92 6.56 -14.14
CA MET B 318 2.33 7.88 -14.39
C MET B 318 2.54 8.31 -15.84
N GLY B 319 3.26 7.51 -16.64
CA GLY B 319 3.65 7.91 -17.99
C GLY B 319 4.70 9.03 -18.05
N GLU B 320 5.33 9.35 -16.91
CA GLU B 320 6.35 10.41 -16.85
C GLU B 320 7.70 9.84 -17.19
N TYR B 321 8.46 10.61 -17.96
CA TYR B 321 9.76 10.16 -18.46
C TYR B 321 10.82 10.27 -17.36
N LEU B 322 11.77 9.34 -17.34
CA LEU B 322 12.95 9.40 -16.42
C LEU B 322 14.18 9.14 -17.20
N PRO B 323 15.13 10.12 -17.19
CA PRO B 323 16.37 9.96 -17.92
C PRO B 323 17.34 9.13 -17.14
N THR B 324 18.16 8.40 -17.85
CA THR B 324 19.30 7.75 -17.24
C THR B 324 20.37 8.80 -17.10
N LEU B 325 21.44 8.41 -16.43
CA LEU B 325 22.54 9.32 -16.18
C LEU B 325 23.26 9.68 -17.46
N ASP B 326 23.35 8.74 -18.42
CA ASP B 326 23.99 9.00 -19.72
C ASP B 326 23.14 9.92 -20.56
N GLU B 327 21.84 9.85 -20.36
CA GLU B 327 20.96 10.77 -21.04
C GLU B 327 21.13 12.22 -20.54
N TRP B 328 21.39 12.41 -19.25
CA TRP B 328 21.74 13.72 -18.75
C TRP B 328 23.10 14.19 -19.31
N ASP B 329 24.11 13.32 -19.22
CA ASP B 329 25.49 13.66 -19.60
C ASP B 329 25.47 14.13 -21.05
N GLY B 330 24.78 13.38 -21.90
CA GLY B 330 24.72 13.67 -23.35
C GLY B 330 23.80 14.84 -23.76
N VAL B 331 23.17 15.52 -22.82
CA VAL B 331 22.28 16.64 -23.15
C VAL B 331 22.80 18.02 -22.79
N PHE B 332 23.85 18.14 -21.96
CA PHE B 332 24.20 19.49 -21.40
C PHE B 332 24.71 20.48 -22.47
N GLU B 333 25.56 19.99 -23.39
CA GLU B 333 26.20 20.82 -24.44
C GLU B 333 25.12 21.43 -25.33
N GLU B 334 24.35 20.54 -25.96
CA GLU B 334 23.24 20.94 -26.79
C GLU B 334 22.34 21.93 -26.03
N GLY B 335 22.28 21.78 -24.72
CA GLY B 335 21.48 22.67 -23.87
C GLY B 335 22.16 23.95 -23.51
N GLY B 336 23.43 24.07 -23.88
CA GLY B 336 24.19 25.32 -23.67
C GLY B 336 25.00 25.43 -22.39
N TRP B 337 25.44 24.30 -21.83
CA TRP B 337 26.06 24.28 -20.49
C TRP B 337 27.17 23.27 -20.53
N ARG B 338 28.14 23.43 -19.65
CA ARG B 338 29.23 22.47 -19.60
C ARG B 338 29.31 21.87 -18.22
N CYS B 339 29.43 20.56 -18.13
CA CYS B 339 29.52 19.89 -16.85
C CYS B 339 30.96 19.88 -16.44
N VAL B 340 31.30 20.47 -15.30
CA VAL B 340 32.68 20.48 -14.89
C VAL B 340 33.02 19.64 -13.67
N LYS B 341 31.98 19.21 -12.96
CA LYS B 341 32.15 18.38 -11.81
C LYS B 341 30.90 17.53 -11.62
N LYS B 342 31.06 16.27 -11.24
CA LYS B 342 29.92 15.39 -10.99
C LYS B 342 30.12 14.62 -9.70
N HIS B 343 29.05 14.48 -8.89
CA HIS B 343 29.09 13.75 -7.62
C HIS B 343 28.02 12.69 -7.60
N ALA B 344 28.41 11.48 -7.23
CA ALA B 344 27.51 10.36 -7.11
C ALA B 344 26.91 10.41 -5.76
N ILE B 345 25.60 10.20 -5.67
CA ILE B 345 24.92 10.15 -4.41
C ILE B 345 24.89 8.73 -3.82
N ASP B 346 25.14 8.68 -2.51
CA ASP B 346 25.12 7.47 -1.71
C ASP B 346 23.69 7.05 -1.31
N SER B 347 23.25 5.95 -1.90
CA SER B 347 22.16 5.14 -1.32
C SER B 347 20.80 5.50 -1.81
N LEU B 348 20.68 6.46 -2.73
CA LEU B 348 19.39 6.79 -3.33
C LEU B 348 19.33 6.34 -4.79
N SER B 349 19.20 5.03 -4.99
CA SER B 349 19.26 4.45 -6.32
C SER B 349 20.53 4.99 -6.99
N VAL B 350 20.47 5.39 -8.27
CA VAL B 350 21.59 6.11 -8.88
C VAL B 350 21.17 7.55 -8.96
N SER B 351 21.69 8.36 -8.05
CA SER B 351 21.38 9.76 -8.03
C SER B 351 22.70 10.56 -8.12
N VAL B 352 22.60 11.83 -8.47
CA VAL B 352 23.76 12.57 -8.89
C VAL B 352 23.60 14.03 -8.64
N VAL B 353 24.69 14.73 -8.33
CA VAL B 353 24.75 16.18 -8.48
C VAL B 353 25.76 16.63 -9.55
N PHE B 354 25.28 17.36 -10.55
CA PHE B 354 26.13 18.03 -11.54
C PHE B 354 26.42 19.49 -11.21
N GLU B 355 27.66 19.91 -11.47
CA GLU B 355 28.06 21.30 -11.36
C GLU B 355 28.31 21.77 -12.76
N LEU B 356 27.45 22.68 -13.22
CA LEU B 356 27.42 23.06 -14.60
C LEU B 356 27.86 24.49 -14.74
N GLU B 357 28.43 24.85 -15.88
CA GLU B 357 28.70 26.27 -16.15
C GLU B 357 28.58 26.68 -17.63
#